data_7EJ7
#
_entry.id   7EJ7
#
loop_
_entity.id
_entity.type
_entity.pdbx_description
1 polymer HLJ1_G0016300.mRNA.1.CDS.1
2 polymer "DNA (5'-D(P*TP*TP*TP*TP*TP*TP*TP*TP*T)-3')"
3 polymer "DNA (5'-D(P*AP*AP*AP*AP*AP*AP*AP*AP*A)-3')"
4 non-polymer 'MAGNESIUM ION'
5 non-polymer "ADENOSINE-5'-TRIPHOSPHATE"
#
loop_
_entity_poly.entity_id
_entity_poly.type
_entity_poly.pdbx_seq_one_letter_code
_entity_poly.pdbx_strand_id
1 'polypeptide(L)'
;MSVTGTEIDSDTAKNILSVDELQNYGINASDLQKLKSGGIYTVNTVLSTTRRHLCKIKGLSEVKVEKIKEAAGKIIQVGF
IPATVQLDIRQRVYSLSTGSKQLDSILGGGIMTMSITEVFGEFRCGKTQMSHTLCVTTQLPREMGGGEGKVAYIDTEGTF
RPERIKQIAEGYELDPESCLANVSYARALNSEHQMELVEQLGEELSSGDYRLIVVDSIMANFRVDYCGRGELSERQQKLN
QHLFKLNRLAEEFNVAVFLTNQVQSDPGASALFASADGRKPIGGHVLAHASATRILLRKGRGDERVAKLQDSPDMPEKEC
VYVIGEKGITDSSD
;
B,A,C
2 'polydeoxyribonucleotide' (DT)(DT)(DT)(DT)(DT)(DT)(DT)(DT)(DT) D
3 'polydeoxyribonucleotide' (DA)(DA)(DA)(DA)(DA)(DA)(DA)(DA)(DA) E
#
# COMPACT_ATOMS: atom_id res chain seq x y z
N ILE A 16 -21.84 12.07 -7.20
CA ILE A 16 -21.95 10.86 -8.01
C ILE A 16 -23.19 10.06 -7.59
N LEU A 17 -23.82 9.40 -8.56
CA LEU A 17 -25.07 8.72 -8.28
C LEU A 17 -24.91 7.67 -7.19
N SER A 18 -25.90 7.56 -6.34
CA SER A 18 -25.85 6.69 -5.17
C SER A 18 -26.51 5.35 -5.49
N VAL A 19 -26.69 4.53 -4.45
CA VAL A 19 -27.30 3.22 -4.60
C VAL A 19 -28.81 3.35 -4.47
N ASP A 20 -29.29 4.59 -4.44
CA ASP A 20 -30.73 4.83 -4.39
C ASP A 20 -31.36 5.02 -5.76
N GLU A 21 -30.56 5.38 -6.76
CA GLU A 21 -31.12 5.56 -8.10
C GLU A 21 -31.76 4.28 -8.60
N LEU A 22 -31.11 3.14 -8.38
CA LEU A 22 -31.66 1.87 -8.81
C LEU A 22 -32.74 1.35 -7.86
N GLN A 23 -32.96 2.02 -6.73
CA GLN A 23 -34.01 1.62 -5.81
C GLN A 23 -35.36 1.48 -6.50
N ASN A 24 -35.54 2.15 -7.64
CA ASN A 24 -36.78 2.09 -8.40
C ASN A 24 -36.69 1.13 -9.58
N TYR A 25 -35.98 0.00 -9.40
CA TYR A 25 -35.83 -1.01 -10.44
C TYR A 25 -36.23 -2.39 -9.96
N GLY A 26 -36.92 -2.49 -8.81
CA GLY A 26 -37.30 -3.77 -8.28
C GLY A 26 -36.47 -4.16 -7.07
N ILE A 27 -35.39 -3.40 -6.87
CA ILE A 27 -34.42 -3.63 -5.80
C ILE A 27 -35.01 -3.21 -4.46
N ASN A 28 -36.32 -2.95 -4.43
CA ASN A 28 -36.99 -2.18 -3.37
C ASN A 28 -36.34 -2.36 -2.01
N ALA A 29 -36.27 -1.27 -1.26
CA ALA A 29 -35.26 -1.06 -0.23
C ALA A 29 -35.51 -1.89 1.03
N SER A 30 -36.34 -2.92 0.95
CA SER A 30 -36.49 -3.85 2.06
C SER A 30 -35.13 -4.30 2.55
N ASP A 31 -34.25 -4.70 1.63
CA ASP A 31 -32.91 -5.14 1.97
C ASP A 31 -31.89 -4.05 1.66
N LEU A 32 -32.36 -2.89 1.19
CA LEU A 32 -31.45 -1.79 0.91
C LEU A 32 -30.60 -1.47 2.13
N GLN A 33 -31.18 -1.56 3.33
CA GLN A 33 -30.41 -1.40 4.55
C GLN A 33 -29.33 -2.49 4.64
N LYS A 34 -29.69 -3.72 4.29
CA LYS A 34 -28.70 -4.78 4.21
C LYS A 34 -27.55 -4.39 3.30
N LEU A 35 -27.87 -3.95 2.09
CA LEU A 35 -26.84 -3.57 1.13
C LEU A 35 -25.93 -2.49 1.71
N LYS A 36 -26.53 -1.39 2.16
CA LYS A 36 -25.73 -0.29 2.71
C LYS A 36 -24.86 -0.75 3.86
N SER A 37 -25.42 -1.50 4.81
CA SER A 37 -24.64 -2.03 5.92
C SER A 37 -23.38 -2.75 5.41
N GLY A 38 -23.48 -3.40 4.26
CA GLY A 38 -22.33 -4.03 3.66
C GLY A 38 -21.29 -3.09 3.11
N GLY A 39 -21.53 -1.78 3.19
CA GLY A 39 -20.59 -0.81 2.67
C GLY A 39 -21.04 -0.21 1.36
N ILE A 40 -21.77 -1.00 0.57
CA ILE A 40 -22.24 -0.55 -0.74
C ILE A 40 -23.09 0.70 -0.59
N TYR A 41 -22.65 1.81 -1.17
CA TYR A 41 -23.39 3.06 -1.11
C TYR A 41 -23.61 3.66 -2.48
N THR A 42 -22.65 3.52 -3.39
CA THR A 42 -22.84 3.99 -4.75
C THR A 42 -23.28 2.85 -5.66
N VAL A 43 -23.54 3.18 -6.92
CA VAL A 43 -23.86 2.15 -7.90
C VAL A 43 -22.59 1.50 -8.40
N ASN A 44 -21.57 2.30 -8.72
CA ASN A 44 -20.29 1.77 -9.17
C ASN A 44 -19.82 0.63 -8.28
N THR A 45 -19.79 0.87 -6.96
CA THR A 45 -19.37 -0.18 -6.05
C THR A 45 -20.20 -1.44 -6.18
N VAL A 46 -21.42 -1.33 -6.70
CA VAL A 46 -22.21 -2.54 -6.95
C VAL A 46 -21.67 -3.29 -8.15
N LEU A 47 -21.22 -2.57 -9.18
CA LEU A 47 -20.68 -3.24 -10.35
C LEU A 47 -19.32 -3.87 -10.07
N SER A 48 -18.51 -3.23 -9.23
CA SER A 48 -17.16 -3.70 -8.94
C SER A 48 -17.10 -4.63 -7.74
N THR A 49 -18.19 -5.31 -7.42
CA THR A 49 -18.22 -6.30 -6.34
C THR A 49 -18.64 -7.64 -6.90
N THR A 50 -17.78 -8.65 -6.72
CA THR A 50 -18.07 -9.98 -7.26
C THR A 50 -19.33 -10.54 -6.63
N ARG A 51 -20.11 -11.27 -7.43
CA ARG A 51 -21.31 -11.91 -6.90
C ARG A 51 -20.98 -12.72 -5.64
N ARG A 52 -19.97 -13.59 -5.73
CA ARG A 52 -19.61 -14.43 -4.60
C ARG A 52 -19.52 -13.61 -3.31
N HIS A 53 -18.90 -12.44 -3.39
CA HIS A 53 -18.77 -11.60 -2.20
C HIS A 53 -20.07 -10.91 -1.84
N LEU A 54 -20.98 -10.75 -2.80
CA LEU A 54 -22.25 -10.06 -2.50
C LEU A 54 -23.26 -10.99 -1.84
N CYS A 55 -23.14 -12.31 -2.06
CA CYS A 55 -24.02 -13.27 -1.41
C CYS A 55 -23.47 -13.72 -0.07
N LYS A 56 -22.63 -12.90 0.55
CA LYS A 56 -22.11 -13.18 1.89
C LYS A 56 -22.55 -12.12 2.89
N ILE A 57 -23.63 -11.39 2.62
CA ILE A 57 -24.12 -10.37 3.51
C ILE A 57 -25.44 -10.76 4.16
N LYS A 58 -25.74 -12.06 4.24
CA LYS A 58 -26.75 -12.60 5.14
C LYS A 58 -28.13 -11.97 4.89
N GLY A 59 -28.68 -12.31 3.72
CA GLY A 59 -30.00 -11.83 3.37
C GLY A 59 -30.21 -11.53 1.90
N LEU A 60 -29.17 -11.73 1.08
CA LEU A 60 -29.29 -11.70 -0.37
C LEU A 60 -28.58 -12.94 -0.91
N SER A 61 -29.33 -14.00 -1.18
CA SER A 61 -28.72 -15.29 -1.44
C SER A 61 -28.26 -15.48 -2.88
N GLU A 62 -29.20 -15.64 -3.83
CA GLU A 62 -28.80 -15.74 -5.22
C GLU A 62 -29.55 -14.80 -6.15
N VAL A 63 -30.88 -14.82 -6.09
CA VAL A 63 -31.68 -14.15 -7.12
C VAL A 63 -31.71 -12.65 -6.89
N LYS A 64 -31.83 -12.23 -5.63
CA LYS A 64 -31.74 -10.81 -5.34
C LYS A 64 -30.47 -10.21 -5.90
N VAL A 65 -29.35 -10.92 -5.80
CA VAL A 65 -28.10 -10.41 -6.35
C VAL A 65 -28.15 -10.34 -7.87
N GLU A 66 -28.74 -11.35 -8.51
CA GLU A 66 -28.88 -11.30 -9.96
C GLU A 66 -29.68 -10.08 -10.40
N LYS A 67 -30.82 -9.83 -9.75
CA LYS A 67 -31.63 -8.68 -10.14
C LYS A 67 -30.93 -7.37 -9.81
N ILE A 68 -30.21 -7.31 -8.69
CA ILE A 68 -29.46 -6.12 -8.33
C ILE A 68 -28.42 -5.81 -9.39
N LYS A 69 -27.72 -6.85 -9.86
CA LYS A 69 -26.69 -6.63 -10.88
C LYS A 69 -27.31 -6.25 -12.22
N GLU A 70 -28.42 -6.89 -12.58
CA GLU A 70 -29.13 -6.49 -13.80
C GLU A 70 -29.49 -5.02 -13.74
N ALA A 71 -30.08 -4.59 -12.63
CA ALA A 71 -30.40 -3.17 -12.47
C ALA A 71 -29.15 -2.31 -12.62
N ALA A 72 -28.17 -2.50 -11.73
CA ALA A 72 -26.96 -1.69 -11.75
C ALA A 72 -26.34 -1.60 -13.14
N GLY A 73 -26.37 -2.69 -13.91
CA GLY A 73 -25.92 -2.64 -15.28
C GLY A 73 -26.85 -1.90 -16.21
N LYS A 74 -28.14 -1.86 -15.89
CA LYS A 74 -29.08 -1.09 -16.68
C LYS A 74 -28.85 0.42 -16.55
N ILE A 75 -28.34 0.86 -15.39
CA ILE A 75 -28.04 2.28 -15.22
C ILE A 75 -26.89 2.70 -16.13
N ILE A 76 -25.76 2.04 -16.01
CA ILE A 76 -24.56 2.39 -16.78
C ILE A 76 -24.00 1.13 -17.41
N GLN A 77 -23.20 1.34 -18.46
CA GLN A 77 -22.59 0.25 -19.21
C GLN A 77 -21.08 0.31 -19.06
N VAL A 78 -20.46 -0.86 -19.02
CA VAL A 78 -19.01 -0.99 -19.01
C VAL A 78 -18.65 -1.97 -20.13
N GLY A 79 -18.40 -1.43 -21.32
CA GLY A 79 -18.03 -2.26 -22.45
C GLY A 79 -16.62 -1.96 -22.92
N PHE A 80 -16.49 -1.39 -24.12
CA PHE A 80 -15.20 -0.98 -24.65
C PHE A 80 -15.32 0.46 -25.18
N ILE A 81 -15.16 1.42 -24.29
CA ILE A 81 -15.02 2.81 -24.75
C ILE A 81 -13.73 2.91 -25.57
N PRO A 82 -13.79 3.37 -26.82
CA PRO A 82 -12.75 2.96 -27.77
C PRO A 82 -11.34 3.32 -27.33
N ALA A 83 -10.96 4.59 -27.40
CA ALA A 83 -9.79 5.04 -26.64
C ALA A 83 -9.93 6.51 -26.26
N THR A 84 -10.69 7.26 -27.05
CA THR A 84 -10.66 8.72 -26.95
C THR A 84 -11.68 9.21 -25.95
N VAL A 85 -12.86 8.60 -25.91
CA VAL A 85 -13.78 8.87 -24.82
C VAL A 85 -13.08 8.62 -23.49
N GLN A 86 -12.10 7.71 -23.50
CA GLN A 86 -11.26 7.52 -22.33
C GLN A 86 -10.37 8.73 -22.08
N LEU A 87 -9.58 9.12 -23.08
CA LEU A 87 -8.73 10.29 -22.94
C LEU A 87 -9.50 11.49 -22.44
N ASP A 88 -10.79 11.57 -22.76
CA ASP A 88 -11.64 12.66 -22.27
C ASP A 88 -12.06 12.41 -20.83
N ILE A 89 -12.72 11.28 -20.57
CA ILE A 89 -13.07 10.91 -19.21
C ILE A 89 -11.86 10.93 -18.30
N ARG A 90 -10.67 10.82 -18.86
CA ARG A 90 -9.42 10.91 -18.12
C ARG A 90 -8.95 12.36 -17.95
N GLN A 91 -9.81 13.32 -18.27
CA GLN A 91 -9.38 14.72 -18.25
C GLN A 91 -9.59 15.36 -16.88
N ARG A 92 -10.44 14.74 -16.04
CA ARG A 92 -10.73 15.27 -14.70
C ARG A 92 -9.82 14.64 -13.65
N VAL A 93 -8.52 14.88 -13.75
CA VAL A 93 -7.58 14.15 -12.92
C VAL A 93 -7.18 14.94 -11.68
N TYR A 94 -7.27 16.26 -11.74
CA TYR A 94 -6.95 17.07 -10.55
C TYR A 94 -5.58 16.75 -9.97
N SER A 95 -4.52 16.98 -10.70
CA SER A 95 -3.17 16.76 -10.20
C SER A 95 -2.93 17.71 -9.03
N LEU A 96 -2.73 17.15 -7.84
CA LEU A 96 -2.57 17.94 -6.62
C LEU A 96 -1.11 18.35 -6.49
N SER A 97 -0.88 19.61 -6.12
CA SER A 97 0.48 20.09 -5.97
C SER A 97 1.08 19.62 -4.66
N THR A 98 2.39 19.39 -4.65
CA THR A 98 3.04 18.89 -3.44
C THR A 98 3.64 20.03 -2.62
N GLY A 99 3.97 21.15 -3.25
CA GLY A 99 4.47 22.29 -2.51
C GLY A 99 5.85 22.74 -2.93
N SER A 100 6.54 21.92 -3.71
CA SER A 100 7.88 22.27 -4.20
C SER A 100 7.84 22.22 -5.72
N LYS A 101 7.89 23.39 -6.35
CA LYS A 101 7.71 23.49 -7.79
C LYS A 101 8.50 22.42 -8.54
N GLN A 102 9.75 22.20 -8.14
CA GLN A 102 10.57 21.21 -8.82
C GLN A 102 9.94 19.84 -8.77
N LEU A 103 9.44 19.44 -7.60
CA LEU A 103 8.82 18.13 -7.48
C LEU A 103 7.55 18.04 -8.30
N ASP A 104 6.69 19.05 -8.23
CA ASP A 104 5.47 19.03 -9.03
C ASP A 104 5.81 18.96 -10.51
N SER A 105 6.95 19.52 -10.92
CA SER A 105 7.36 19.45 -12.31
C SER A 105 7.87 18.07 -12.67
N ILE A 106 8.58 17.41 -11.74
CA ILE A 106 9.05 16.06 -12.00
C ILE A 106 7.95 15.02 -11.96
N LEU A 107 6.85 15.29 -11.26
CA LEU A 107 5.73 14.36 -11.24
C LEU A 107 4.68 14.65 -12.29
N GLY A 108 4.81 15.73 -13.04
CA GLY A 108 3.82 16.12 -14.02
C GLY A 108 2.80 17.11 -13.52
N GLY A 109 3.02 17.72 -12.36
CA GLY A 109 2.06 18.65 -11.80
C GLY A 109 1.78 18.37 -10.35
N GLY A 110 2.09 17.15 -9.91
CA GLY A 110 1.88 16.76 -8.53
C GLY A 110 1.33 15.36 -8.38
N ILE A 111 0.59 15.12 -7.30
CA ILE A 111 0.01 13.81 -7.04
C ILE A 111 -1.23 13.65 -7.92
N MET A 112 -1.16 12.74 -8.89
CA MET A 112 -2.32 12.49 -9.73
C MET A 112 -3.43 11.87 -8.92
N THR A 113 -4.67 12.17 -9.31
CA THR A 113 -5.83 11.59 -8.65
C THR A 113 -6.18 10.26 -9.30
N MET A 114 -7.12 9.55 -8.69
CA MET A 114 -7.50 8.20 -9.10
C MET A 114 -6.26 7.36 -9.36
N SER A 115 -5.43 7.26 -8.32
CA SER A 115 -4.19 6.51 -8.39
C SER A 115 -3.56 6.53 -7.00
N ILE A 116 -2.66 5.57 -6.78
CA ILE A 116 -1.96 5.40 -5.52
C ILE A 116 -0.53 5.89 -5.69
N THR A 117 -0.11 6.81 -4.83
CA THR A 117 1.24 7.34 -4.85
C THR A 117 1.90 7.00 -3.53
N GLU A 118 3.06 6.37 -3.60
CA GLU A 118 3.77 5.92 -2.41
C GLU A 118 5.05 6.70 -2.24
N VAL A 119 5.40 6.96 -0.97
CA VAL A 119 6.61 7.69 -0.64
C VAL A 119 7.32 6.95 0.48
N PHE A 120 8.55 6.49 0.23
CA PHE A 120 9.26 5.67 1.20
C PHE A 120 10.67 6.21 1.35
N GLY A 121 11.10 6.38 2.61
CA GLY A 121 12.45 6.77 2.91
C GLY A 121 12.72 6.65 4.40
N GLU A 122 13.96 6.77 4.82
CA GLU A 122 14.31 6.60 6.22
C GLU A 122 13.81 7.80 7.01
N PHE A 123 14.04 7.76 8.32
CA PHE A 123 13.46 8.75 9.21
C PHE A 123 13.90 10.16 8.82
N ARG A 124 13.25 11.14 9.43
CA ARG A 124 13.58 12.56 9.27
C ARG A 124 13.61 13.00 7.82
N CYS A 125 13.04 12.22 6.92
CA CYS A 125 12.88 12.66 5.54
C CYS A 125 11.60 13.44 5.32
N GLY A 126 10.81 13.64 6.37
CA GLY A 126 9.59 14.41 6.25
C GLY A 126 8.53 13.79 5.37
N LYS A 127 8.67 12.50 5.05
CA LYS A 127 7.61 11.82 4.33
C LYS A 127 6.29 11.86 5.08
N THR A 128 6.37 12.25 6.36
CA THR A 128 5.16 12.41 7.21
C THR A 128 4.74 13.89 7.16
N GLN A 129 5.67 14.76 6.72
CA GLN A 129 5.40 16.19 6.58
C GLN A 129 4.79 16.53 5.24
N MET A 130 5.19 15.80 4.19
CA MET A 130 4.50 15.93 2.92
C MET A 130 3.02 15.63 3.08
N SER A 131 2.66 14.75 4.01
CA SER A 131 1.26 14.49 4.27
C SER A 131 0.53 15.74 4.73
N HIS A 132 1.11 16.47 5.69
CA HIS A 132 0.49 17.72 6.13
C HIS A 132 0.48 18.75 5.02
N THR A 133 1.57 18.84 4.26
CA THR A 133 1.62 19.80 3.16
C THR A 133 0.51 19.54 2.17
N LEU A 134 0.23 18.26 1.88
CA LEU A 134 -0.88 17.95 0.98
C LEU A 134 -2.22 18.27 1.64
N CYS A 135 -2.37 17.89 2.91
CA CYS A 135 -3.59 18.15 3.65
C CYS A 135 -3.98 19.61 3.55
N VAL A 136 -2.97 20.50 3.54
CA VAL A 136 -3.22 21.93 3.44
C VAL A 136 -3.31 22.43 2.02
N THR A 137 -2.59 21.81 1.08
CA THR A 137 -2.51 22.30 -0.29
C THR A 137 -3.52 21.61 -1.20
N THR A 138 -4.44 20.85 -0.64
CA THR A 138 -5.53 20.28 -1.41
C THR A 138 -6.76 21.18 -1.44
N GLN A 139 -6.85 22.15 -0.54
CA GLN A 139 -8.00 23.03 -0.43
C GLN A 139 -7.75 24.37 -1.13
N LEU A 140 -6.92 24.37 -2.15
CA LEU A 140 -6.62 25.56 -2.94
C LEU A 140 -7.33 25.49 -4.28
N PRO A 141 -7.71 26.63 -4.84
CA PRO A 141 -8.38 26.60 -6.15
C PRO A 141 -7.54 25.85 -7.17
N ARG A 142 -8.23 25.12 -8.06
CA ARG A 142 -7.57 24.24 -9.01
C ARG A 142 -6.37 24.90 -9.68
N GLU A 143 -6.46 26.19 -9.94
CA GLU A 143 -5.38 26.90 -10.63
C GLU A 143 -4.21 27.15 -9.69
N MET A 144 -4.24 26.55 -8.51
CA MET A 144 -3.14 26.67 -7.57
C MET A 144 -2.49 25.32 -7.33
N GLY A 145 -3.19 24.24 -7.66
CA GLY A 145 -2.60 22.91 -7.56
C GLY A 145 -3.52 21.83 -7.02
N GLY A 146 -4.45 22.18 -6.14
CA GLY A 146 -5.35 21.19 -5.59
C GLY A 146 -6.78 21.39 -6.02
N GLY A 147 -7.65 21.68 -5.05
CA GLY A 147 -8.96 22.22 -5.36
C GLY A 147 -10.13 21.66 -4.57
N GLU A 148 -10.85 22.57 -3.90
CA GLU A 148 -12.20 22.35 -3.40
C GLU A 148 -12.43 20.92 -2.92
N GLY A 149 -11.51 20.40 -2.11
CA GLY A 149 -11.59 19.03 -1.66
C GLY A 149 -11.33 18.90 -0.17
N LYS A 150 -12.15 18.08 0.49
CA LYS A 150 -11.85 17.65 1.84
C LYS A 150 -10.75 16.60 1.80
N VAL A 151 -10.30 16.17 2.97
CA VAL A 151 -9.20 15.22 3.08
C VAL A 151 -9.57 14.18 4.12
N ALA A 152 -9.21 12.93 3.86
CA ALA A 152 -9.34 11.84 4.81
C ALA A 152 -7.95 11.42 5.24
N TYR A 153 -7.74 11.27 6.54
CA TYR A 153 -6.43 11.01 7.11
C TYR A 153 -6.52 9.83 8.05
N ILE A 154 -5.73 8.80 7.77
CA ILE A 154 -5.68 7.61 8.60
C ILE A 154 -4.27 7.50 9.17
N ASP A 155 -4.14 7.74 10.46
CA ASP A 155 -2.85 7.75 11.13
C ASP A 155 -2.62 6.40 11.77
N THR A 156 -1.48 5.78 11.46
CA THR A 156 -1.12 4.48 12.02
C THR A 156 0.06 4.57 12.97
N GLU A 157 0.64 5.76 13.15
CA GLU A 157 1.71 5.89 14.14
C GLU A 157 1.61 7.18 14.95
N GLY A 158 0.44 7.81 15.04
CA GLY A 158 0.38 9.11 15.68
C GLY A 158 1.12 10.12 14.82
N THR A 159 1.49 11.24 15.43
CA THR A 159 2.26 12.27 14.72
C THR A 159 1.40 13.05 13.74
N PHE A 160 0.10 13.14 14.01
CA PHE A 160 -0.78 14.02 13.25
C PHE A 160 -1.00 15.31 14.03
N ARG A 161 -0.01 16.19 13.99
CA ARG A 161 -0.11 17.44 14.75
C ARG A 161 -0.91 18.47 13.97
N PRO A 162 -2.15 18.74 14.37
CA PRO A 162 -2.95 19.73 13.64
C PRO A 162 -2.35 21.13 13.73
N GLU A 163 -1.55 21.36 14.76
CA GLU A 163 -0.84 22.63 14.87
C GLU A 163 -0.04 22.91 13.61
N ARG A 164 0.56 21.84 13.07
CA ARG A 164 1.37 21.93 11.82
C ARG A 164 0.42 22.35 10.69
N ILE A 165 -0.76 21.71 10.61
CA ILE A 165 -1.74 22.06 9.58
C ILE A 165 -2.06 23.54 9.65
N LYS A 166 -2.28 24.07 10.85
CA LYS A 166 -2.62 25.48 10.99
C LYS A 166 -1.45 26.36 10.59
N GLN A 167 -0.24 25.97 10.99
CA GLN A 167 0.94 26.74 10.62
C GLN A 167 1.07 26.84 9.10
N ILE A 168 0.96 25.69 8.42
CA ILE A 168 1.09 25.68 6.97
C ILE A 168 -0.03 26.47 6.33
N ALA A 169 -1.26 26.34 6.83
CA ALA A 169 -2.35 27.13 6.29
C ALA A 169 -2.04 28.62 6.38
N GLU A 170 -1.73 29.11 7.57
CA GLU A 170 -1.33 30.50 7.71
C GLU A 170 -0.23 30.88 6.74
N GLY A 171 0.77 30.02 6.56
CA GLY A 171 1.81 30.29 5.59
C GLY A 171 1.34 30.33 4.16
N TYR A 172 0.20 29.70 3.86
CA TYR A 172 -0.36 29.70 2.52
C TYR A 172 -1.47 30.73 2.35
N GLU A 173 -1.59 31.66 3.30
CA GLU A 173 -2.64 32.68 3.22
C GLU A 173 -4.01 32.02 3.14
N LEU A 174 -4.39 31.31 4.19
CA LEU A 174 -5.65 30.59 4.21
C LEU A 174 -6.13 30.48 5.65
N ASP A 175 -7.43 30.62 5.86
CA ASP A 175 -8.00 30.56 7.19
C ASP A 175 -7.75 29.19 7.83
N PRO A 176 -6.90 29.12 8.85
CA PRO A 176 -6.63 27.82 9.48
C PRO A 176 -7.89 27.10 9.94
N GLU A 177 -8.72 27.76 10.75
CA GLU A 177 -9.96 27.17 11.23
C GLU A 177 -10.71 26.49 10.09
N SER A 178 -10.73 27.14 8.93
CA SER A 178 -11.41 26.57 7.77
C SER A 178 -10.82 25.22 7.39
N CYS A 179 -9.51 25.19 7.16
CA CYS A 179 -8.86 23.97 6.69
C CYS A 179 -9.01 22.85 7.72
N LEU A 180 -8.77 23.17 8.99
CA LEU A 180 -8.87 22.16 10.04
C LEU A 180 -10.30 21.64 10.17
N ALA A 181 -11.23 22.20 9.39
CA ALA A 181 -12.59 21.68 9.35
C ALA A 181 -12.82 20.74 8.18
N ASN A 182 -12.15 20.96 7.06
CA ASN A 182 -12.30 20.11 5.88
C ASN A 182 -11.48 18.83 5.96
N VAL A 183 -10.80 18.60 7.08
CA VAL A 183 -10.02 17.39 7.29
C VAL A 183 -10.83 16.44 8.15
N SER A 184 -10.68 15.15 7.91
CA SER A 184 -11.26 14.11 8.74
C SER A 184 -10.14 13.20 9.21
N TYR A 185 -10.11 12.91 10.51
CA TYR A 185 -9.00 12.20 11.12
C TYR A 185 -9.47 10.90 11.73
N ALA A 186 -8.65 9.86 11.60
CA ALA A 186 -8.94 8.58 12.20
C ALA A 186 -7.63 7.89 12.59
N ARG A 187 -7.53 7.50 13.85
CA ARG A 187 -6.32 6.88 14.38
C ARG A 187 -6.51 5.37 14.38
N ALA A 188 -6.13 4.73 13.29
CA ALA A 188 -6.20 3.28 13.24
C ALA A 188 -5.32 2.67 14.33
N LEU A 189 -5.86 1.67 15.01
CA LEU A 189 -5.19 1.09 16.16
C LEU A 189 -4.47 -0.21 15.85
N ASN A 190 -5.07 -1.08 15.07
CA ASN A 190 -4.42 -2.33 14.65
C ASN A 190 -4.86 -2.66 13.23
N SER A 191 -4.10 -3.55 12.60
CA SER A 191 -4.31 -3.88 11.20
C SER A 191 -5.77 -4.13 10.89
N GLU A 192 -6.41 -5.00 11.67
CA GLU A 192 -7.78 -5.39 11.36
C GLU A 192 -8.75 -4.24 11.61
N HIS A 193 -8.29 -3.20 12.29
CA HIS A 193 -9.06 -1.97 12.41
C HIS A 193 -8.75 -1.00 11.28
N GLN A 194 -7.48 -0.92 10.88
CA GLN A 194 -7.12 -0.14 9.70
C GLN A 194 -7.91 -0.60 8.49
N MET A 195 -8.12 -1.91 8.36
CA MET A 195 -8.88 -2.42 7.23
C MET A 195 -10.37 -2.16 7.41
N GLU A 196 -10.85 -2.17 8.65
CA GLU A 196 -12.24 -1.77 8.89
C GLU A 196 -12.49 -0.34 8.45
N LEU A 197 -11.52 0.54 8.69
CA LEU A 197 -11.76 1.97 8.47
C LEU A 197 -12.06 2.26 7.01
N VAL A 198 -11.38 1.60 6.07
CA VAL A 198 -11.56 1.93 4.66
C VAL A 198 -12.98 1.60 4.20
N GLU A 199 -13.55 0.52 4.75
CA GLU A 199 -14.92 0.17 4.40
C GLU A 199 -15.86 1.34 4.69
N GLN A 200 -15.90 1.77 5.95
CA GLN A 200 -16.68 2.94 6.32
C GLN A 200 -16.33 4.12 5.43
N LEU A 201 -15.04 4.37 5.24
CA LEU A 201 -14.60 5.48 4.39
C LEU A 201 -15.31 5.44 3.04
N GLY A 202 -15.62 4.25 2.56
CA GLY A 202 -16.42 4.12 1.36
C GLY A 202 -17.72 4.88 1.41
N GLU A 203 -18.17 5.26 2.61
CA GLU A 203 -19.42 6.00 2.76
C GLU A 203 -19.26 7.49 2.53
N GLU A 204 -18.46 8.15 3.36
CA GLU A 204 -18.32 9.60 3.26
C GLU A 204 -17.92 10.02 1.85
N LEU A 205 -17.12 9.22 1.17
CA LEU A 205 -16.76 9.52 -0.21
C LEU A 205 -17.94 9.37 -1.16
N SER A 206 -19.07 8.86 -0.70
CA SER A 206 -20.24 8.71 -1.55
C SER A 206 -20.88 10.05 -1.88
N SER A 207 -21.00 10.92 -0.90
CA SER A 207 -21.55 12.26 -1.08
C SER A 207 -20.60 13.24 -0.42
N GLY A 208 -19.90 14.02 -1.21
CA GLY A 208 -19.00 15.03 -0.68
C GLY A 208 -17.90 15.33 -1.67
N ASP A 209 -16.95 16.12 -1.21
CA ASP A 209 -15.80 16.53 -1.99
C ASP A 209 -14.55 16.12 -1.24
N TYR A 210 -14.12 14.89 -1.44
CA TYR A 210 -12.86 14.39 -0.92
C TYR A 210 -11.89 14.26 -2.08
N ARG A 211 -10.74 14.90 -1.98
CA ARG A 211 -9.78 14.83 -3.07
C ARG A 211 -8.75 13.74 -2.85
N LEU A 212 -8.12 13.69 -1.68
CA LEU A 212 -7.10 12.69 -1.41
C LEU A 212 -7.38 11.98 -0.10
N ILE A 213 -7.01 10.71 -0.04
CA ILE A 213 -6.92 9.93 1.18
C ILE A 213 -5.44 9.78 1.52
N VAL A 214 -5.12 9.78 2.80
CA VAL A 214 -3.74 9.71 3.25
C VAL A 214 -3.61 8.57 4.25
N VAL A 215 -2.53 7.79 4.12
CA VAL A 215 -2.26 6.70 5.05
C VAL A 215 -0.79 6.80 5.44
N ASP A 216 -0.52 7.36 6.62
CA ASP A 216 0.89 7.36 7.06
C ASP A 216 1.23 5.90 7.39
N SER A 217 2.37 5.39 6.98
CA SER A 217 2.88 4.06 7.30
C SER A 217 1.84 3.01 6.98
N ILE A 218 1.52 2.85 5.70
CA ILE A 218 0.53 1.88 5.25
C ILE A 218 0.78 0.52 5.88
N MET A 219 2.01 0.27 6.32
CA MET A 219 2.35 -1.05 6.81
C MET A 219 2.93 -1.01 8.22
N ALA A 220 2.79 0.12 8.90
CA ALA A 220 3.27 0.21 10.27
C ALA A 220 2.61 -0.85 11.14
N ASN A 221 1.36 -1.18 10.86
CA ASN A 221 0.64 -2.15 11.69
C ASN A 221 0.92 -3.58 11.21
N PHE A 222 0.70 -3.84 9.92
CA PHE A 222 0.93 -5.19 9.41
C PHE A 222 2.29 -5.72 9.81
N ARG A 223 3.30 -4.85 9.87
CA ARG A 223 4.62 -5.26 10.32
C ARG A 223 4.60 -5.88 11.71
N VAL A 224 3.55 -5.63 12.49
CA VAL A 224 3.50 -6.06 13.87
C VAL A 224 2.50 -7.19 14.10
N ASP A 225 1.32 -7.11 13.49
CA ASP A 225 0.31 -8.13 13.73
C ASP A 225 0.73 -9.48 13.17
N TYR A 226 1.68 -9.50 12.26
CA TYR A 226 2.17 -10.73 11.67
C TYR A 226 3.69 -10.73 11.69
N CYS A 227 4.26 -11.53 12.58
CA CYS A 227 5.70 -11.56 12.78
C CYS A 227 6.25 -12.92 12.34
N GLY A 228 7.37 -12.88 11.62
CA GLY A 228 8.02 -14.09 11.17
C GLY A 228 7.43 -14.61 9.88
N ARG A 229 8.27 -15.34 9.14
CA ARG A 229 7.84 -15.92 7.87
C ARG A 229 6.92 -17.11 8.08
N GLY A 230 6.50 -17.37 9.30
CA GLY A 230 5.52 -18.40 9.56
C GLY A 230 4.14 -17.93 9.18
N GLU A 231 3.91 -16.62 9.33
CA GLU A 231 2.65 -15.99 8.96
C GLU A 231 2.85 -14.87 7.95
N LEU A 232 3.84 -15.00 7.07
CA LEU A 232 4.07 -13.97 6.07
C LEU A 232 2.95 -13.97 5.03
N SER A 233 2.70 -15.11 4.39
CA SER A 233 1.70 -15.18 3.35
C SER A 233 0.37 -14.61 3.80
N GLU A 234 -0.07 -14.97 5.01
CA GLU A 234 -1.32 -14.46 5.53
C GLU A 234 -1.29 -12.95 5.74
N ARG A 235 -0.10 -12.36 5.84
CA ARG A 235 0.02 -10.92 5.93
C ARG A 235 -0.03 -10.28 4.55
N GLN A 236 0.72 -10.84 3.60
CA GLN A 236 0.73 -10.29 2.25
C GLN A 236 -0.64 -10.36 1.62
N GLN A 237 -1.42 -11.40 1.92
CA GLN A 237 -2.74 -11.52 1.33
C GLN A 237 -3.67 -10.44 1.86
N LYS A 238 -3.71 -10.27 3.18
CA LYS A 238 -4.50 -9.19 3.76
C LYS A 238 -4.06 -7.84 3.22
N LEU A 239 -2.76 -7.62 3.10
CA LEU A 239 -2.27 -6.36 2.58
C LEU A 239 -2.73 -6.15 1.15
N ASN A 240 -2.71 -7.21 0.34
CA ASN A 240 -3.15 -7.08 -1.05
C ASN A 240 -4.62 -6.72 -1.12
N GLN A 241 -5.44 -7.38 -0.30
CA GLN A 241 -6.85 -7.02 -0.26
C GLN A 241 -7.04 -5.56 0.13
N HIS A 242 -6.31 -5.12 1.16
CA HIS A 242 -6.43 -3.74 1.61
C HIS A 242 -6.04 -2.77 0.51
N LEU A 243 -4.92 -3.02 -0.15
CA LEU A 243 -4.46 -2.12 -1.20
C LEU A 243 -5.41 -2.11 -2.38
N PHE A 244 -6.00 -3.26 -2.70
CA PHE A 244 -6.96 -3.31 -3.78
C PHE A 244 -8.20 -2.47 -3.46
N LYS A 245 -8.69 -2.58 -2.22
CA LYS A 245 -9.83 -1.77 -1.84
C LYS A 245 -9.53 -0.29 -2.02
N LEU A 246 -8.34 0.14 -1.59
CA LEU A 246 -7.95 1.53 -1.80
C LEU A 246 -7.96 1.88 -3.28
N ASN A 247 -7.09 1.22 -4.05
CA ASN A 247 -7.00 1.49 -5.48
C ASN A 247 -8.37 1.54 -6.13
N ARG A 248 -9.34 0.79 -5.60
CA ARG A 248 -10.68 0.82 -6.17
C ARG A 248 -11.43 2.10 -5.76
N LEU A 249 -11.36 2.44 -4.47
CA LEU A 249 -11.95 3.70 -4.01
C LEU A 249 -11.39 4.87 -4.79
N ALA A 250 -10.07 5.02 -4.78
CA ALA A 250 -9.41 6.09 -5.51
C ALA A 250 -9.80 6.16 -6.96
N GLU A 251 -10.39 5.10 -7.51
CA GLU A 251 -10.76 5.05 -8.91
C GLU A 251 -12.21 5.37 -9.16
N GLU A 252 -13.12 4.87 -8.34
CA GLU A 252 -14.55 5.12 -8.54
C GLU A 252 -15.02 6.39 -7.86
N PHE A 253 -14.11 7.23 -7.36
CA PHE A 253 -14.48 8.49 -6.74
C PHE A 253 -13.59 9.64 -7.19
N ASN A 254 -12.76 9.42 -8.19
CA ASN A 254 -11.78 10.41 -8.63
C ASN A 254 -11.09 11.04 -7.42
N VAL A 255 -10.47 10.17 -6.62
CA VAL A 255 -9.76 10.56 -5.41
C VAL A 255 -8.36 9.98 -5.46
N ALA A 256 -7.38 10.79 -5.08
CA ALA A 256 -6.00 10.33 -5.02
C ALA A 256 -5.75 9.61 -3.71
N VAL A 257 -4.75 8.73 -3.70
CA VAL A 257 -4.35 8.03 -2.49
C VAL A 257 -2.87 8.27 -2.27
N PHE A 258 -2.48 8.59 -1.05
CA PHE A 258 -1.10 8.91 -0.72
C PHE A 258 -0.68 8.07 0.47
N LEU A 259 0.27 7.17 0.23
CA LEU A 259 0.74 6.24 1.25
C LEU A 259 2.18 6.57 1.60
N THR A 260 2.47 6.61 2.90
CA THR A 260 3.85 6.69 3.36
C THR A 260 4.31 5.31 3.79
N ASN A 261 5.56 4.99 3.48
CA ASN A 261 6.11 3.67 3.72
C ASN A 261 7.37 3.82 4.55
N GLN A 262 8.01 2.70 4.83
CA GLN A 262 9.22 2.66 5.63
C GLN A 262 10.32 1.92 4.89
N VAL A 263 11.50 1.92 5.49
CA VAL A 263 12.70 1.38 4.88
C VAL A 263 13.32 0.35 5.80
N GLN A 264 13.93 -0.66 5.19
CA GLN A 264 14.65 -1.71 5.90
C GLN A 264 16.04 -1.83 5.31
N SER A 265 16.94 -2.39 6.09
CA SER A 265 18.34 -2.54 5.70
C SER A 265 18.63 -3.98 5.32
N ASP A 266 19.44 -4.16 4.29
CA ASP A 266 19.73 -5.48 3.75
C ASP A 266 21.07 -5.98 4.29
N PRO A 267 21.10 -6.92 5.21
CA PRO A 267 22.39 -7.36 5.76
C PRO A 267 23.09 -8.33 4.84
N GLY A 268 22.70 -8.37 3.57
CA GLY A 268 23.24 -9.34 2.65
C GLY A 268 24.54 -8.90 2.00
N ALA A 269 24.56 -8.83 0.66
CA ALA A 269 25.81 -8.63 -0.05
C ALA A 269 26.22 -7.16 -0.11
N SER A 270 27.39 -6.89 -0.67
CA SER A 270 27.90 -5.54 -0.82
C SER A 270 27.98 -5.14 -2.29
N ALA A 271 27.03 -5.63 -3.08
CA ALA A 271 26.99 -5.36 -4.52
C ALA A 271 25.78 -4.50 -4.85
N LEU A 272 25.78 -3.93 -6.05
CA LEU A 272 24.70 -3.09 -6.53
C LEU A 272 24.23 -2.09 -5.47
N PHE A 273 25.13 -1.21 -5.04
CA PHE A 273 26.51 -1.26 -5.53
C PHE A 273 27.48 -1.61 -4.41
N ALA A 274 27.56 -0.75 -3.39
CA ALA A 274 28.32 -1.08 -2.19
C ALA A 274 27.66 -0.55 -0.93
N SER A 275 26.74 0.40 -1.08
CA SER A 275 26.28 1.23 0.03
C SER A 275 24.86 1.73 -0.22
N ALA A 276 24.53 2.84 0.42
CA ALA A 276 23.19 3.42 0.32
C ALA A 276 22.14 2.45 0.81
N ASP A 277 22.17 2.11 2.09
CA ASP A 277 21.22 1.16 2.66
C ASP A 277 19.83 1.75 2.81
N GLY A 278 19.69 3.07 2.88
CA GLY A 278 18.40 3.67 3.11
C GLY A 278 17.50 3.54 1.90
N ARG A 279 17.26 2.31 1.47
CA ARG A 279 16.44 2.02 0.31
C ARG A 279 15.72 0.70 0.52
N LYS A 280 15.23 0.10 -0.55
CA LYS A 280 14.53 -1.18 -0.42
C LYS A 280 13.40 -1.06 0.59
N PRO A 281 12.30 -0.40 0.24
CA PRO A 281 11.18 -0.28 1.17
C PRO A 281 10.67 -1.64 1.63
N ILE A 282 9.80 -1.64 2.63
CA ILE A 282 9.21 -2.86 3.14
C ILE A 282 7.85 -3.04 2.48
N GLY A 283 7.32 -4.25 2.55
CA GLY A 283 6.06 -4.54 1.92
C GLY A 283 6.18 -5.60 0.85
N GLY A 284 7.41 -5.82 0.37
CA GLY A 284 7.68 -6.82 -0.65
C GLY A 284 7.17 -6.37 -1.99
N HIS A 285 6.78 -7.33 -2.82
CA HIS A 285 6.27 -7.05 -4.15
C HIS A 285 4.78 -6.79 -4.17
N VAL A 286 4.02 -7.34 -3.22
CA VAL A 286 2.58 -7.10 -3.21
C VAL A 286 2.29 -5.61 -3.16
N LEU A 287 3.17 -4.84 -2.53
CA LEU A 287 2.98 -3.40 -2.45
C LEU A 287 3.70 -2.65 -3.55
N ALA A 288 4.79 -3.19 -4.08
CA ALA A 288 5.48 -2.52 -5.17
C ALA A 288 4.61 -2.46 -6.42
N HIS A 289 3.90 -3.55 -6.72
CA HIS A 289 3.03 -3.57 -7.88
C HIS A 289 1.85 -2.63 -7.69
N ALA A 290 1.08 -2.84 -6.62
CA ALA A 290 -0.13 -2.05 -6.41
C ALA A 290 0.12 -0.56 -6.50
N SER A 291 1.28 -0.08 -6.07
CA SER A 291 1.59 1.33 -6.13
C SER A 291 1.81 1.76 -7.56
N ALA A 292 1.18 2.87 -7.94
CA ALA A 292 1.32 3.40 -9.29
C ALA A 292 2.56 4.27 -9.41
N THR A 293 2.82 5.10 -8.41
CA THR A 293 3.98 5.97 -8.39
C THR A 293 4.78 5.72 -7.12
N ARG A 294 6.09 5.55 -7.27
CA ARG A 294 6.99 5.35 -6.15
C ARG A 294 7.97 6.51 -6.09
N ILE A 295 8.33 6.92 -4.88
CA ILE A 295 9.26 8.02 -4.67
C ILE A 295 10.13 7.71 -3.46
N LEU A 296 11.43 7.91 -3.61
CA LEU A 296 12.41 7.66 -2.57
C LEU A 296 12.93 8.99 -2.06
N LEU A 297 12.78 9.22 -0.75
CA LEU A 297 13.24 10.45 -0.14
C LEU A 297 14.54 10.17 0.63
N ARG A 298 15.59 10.88 0.27
CA ARG A 298 16.90 10.65 0.84
C ARG A 298 17.43 11.95 1.44
N LYS A 299 18.29 11.81 2.44
CA LYS A 299 18.91 12.95 3.08
C LYS A 299 20.06 13.45 2.23
N GLY A 300 20.10 14.77 2.01
CA GLY A 300 21.13 15.36 1.17
C GLY A 300 22.18 16.11 1.95
N ARG A 301 22.21 17.43 1.79
CA ARG A 301 23.14 18.28 2.49
C ARG A 301 22.37 19.25 3.39
N GLY A 302 22.96 19.58 4.52
CA GLY A 302 22.33 20.49 5.46
C GLY A 302 20.90 20.08 5.77
N ASP A 303 19.95 20.90 5.33
CA ASP A 303 18.54 20.66 5.56
C ASP A 303 17.80 20.50 4.24
N GLU A 304 18.46 19.92 3.24
CA GLU A 304 17.88 19.71 1.94
C GLU A 304 17.90 18.23 1.59
N ARG A 305 16.75 17.71 1.18
CA ARG A 305 16.60 16.30 0.84
C ARG A 305 16.46 16.15 -0.67
N VAL A 306 16.66 14.92 -1.13
CA VAL A 306 16.60 14.57 -2.54
C VAL A 306 15.45 13.60 -2.75
N ALA A 307 14.52 13.96 -3.62
CA ALA A 307 13.42 13.09 -3.99
C ALA A 307 13.70 12.47 -5.35
N LYS A 308 13.72 11.15 -5.38
CA LYS A 308 13.98 10.40 -6.60
C LYS A 308 12.70 9.67 -7.00
N LEU A 309 12.39 9.72 -8.28
CA LEU A 309 11.23 9.02 -8.82
C LEU A 309 11.68 7.65 -9.29
N GLN A 310 10.86 6.64 -9.04
CA GLN A 310 11.32 5.29 -9.36
C GLN A 310 10.34 4.48 -10.17
N ASP A 311 9.04 4.74 -10.05
CA ASP A 311 8.03 3.98 -10.79
C ASP A 311 6.85 4.90 -11.08
N SER A 312 6.77 5.39 -12.30
CA SER A 312 5.65 6.20 -12.75
C SER A 312 5.21 5.75 -14.13
N PRO A 313 3.93 5.84 -14.43
CA PRO A 313 3.46 5.51 -15.78
C PRO A 313 3.48 6.69 -16.72
N ASP A 314 3.54 7.91 -16.17
CA ASP A 314 3.59 9.11 -17.02
C ASP A 314 5.03 9.57 -17.27
N MET A 315 5.73 9.97 -16.21
CA MET A 315 7.10 10.43 -16.35
C MET A 315 8.11 9.31 -16.64
N PRO A 316 9.29 9.66 -17.16
CA PRO A 316 10.41 8.72 -17.20
C PRO A 316 11.16 8.54 -15.89
N GLU A 317 11.82 9.61 -15.44
CA GLU A 317 12.75 9.54 -14.31
C GLU A 317 13.38 10.90 -14.06
N LYS A 318 13.78 11.18 -12.82
CA LYS A 318 14.59 12.35 -12.49
C LYS A 318 14.90 12.42 -11.00
N GLU A 319 15.71 13.40 -10.61
CA GLU A 319 16.02 13.67 -9.20
C GLU A 319 15.70 15.14 -8.93
N CYS A 320 14.83 15.38 -7.96
CA CYS A 320 14.49 16.73 -7.51
C CYS A 320 15.12 16.97 -6.15
N VAL A 321 15.33 18.24 -5.81
CA VAL A 321 15.86 18.63 -4.52
C VAL A 321 14.87 19.56 -3.84
N TYR A 322 14.60 19.31 -2.56
CA TYR A 322 13.59 20.09 -1.85
C TYR A 322 14.01 20.23 -0.40
N VAL A 323 13.64 21.37 0.19
CA VAL A 323 13.93 21.65 1.59
C VAL A 323 12.62 21.78 2.33
N ILE A 324 12.51 21.09 3.47
CA ILE A 324 11.32 21.13 4.30
C ILE A 324 11.47 22.28 5.27
N GLY A 325 10.87 23.42 4.95
CA GLY A 325 10.98 24.60 5.78
C GLY A 325 9.79 24.77 6.69
N GLU A 326 9.43 26.02 6.98
CA GLU A 326 8.35 26.29 7.91
C GLU A 326 7.00 26.41 7.25
N LYS A 327 6.94 26.35 5.92
CA LYS A 327 5.68 26.39 5.19
C LYS A 327 5.41 25.06 4.49
N GLY A 328 5.88 23.97 5.07
CA GLY A 328 5.71 22.65 4.47
C GLY A 328 6.91 22.25 3.63
N ILE A 329 6.65 21.68 2.46
CA ILE A 329 7.69 21.23 1.55
C ILE A 329 7.88 22.30 0.49
N THR A 330 9.07 22.88 0.43
CA THR A 330 9.36 23.92 -0.54
C THR A 330 10.82 23.91 -0.96
N ASP A 331 11.28 24.99 -1.59
CA ASP A 331 12.69 25.16 -1.91
C ASP A 331 13.06 26.63 -1.88
N ILE B 16 -13.41 -12.90 -41.83
CA ILE B 16 -13.61 -14.33 -41.66
C ILE B 16 -15.10 -14.63 -41.63
N LEU B 17 -15.48 -15.79 -42.17
CA LEU B 17 -16.89 -16.12 -42.31
C LEU B 17 -17.58 -16.12 -40.95
N SER B 18 -18.82 -15.63 -40.94
CA SER B 18 -19.57 -15.46 -39.70
C SER B 18 -20.49 -16.66 -39.46
N VAL B 19 -21.37 -16.53 -38.48
CA VAL B 19 -22.30 -17.60 -38.13
C VAL B 19 -23.56 -17.44 -38.97
N ASP B 20 -23.52 -16.53 -39.95
CA ASP B 20 -24.65 -16.35 -40.85
C ASP B 20 -24.54 -17.17 -42.12
N GLU B 21 -23.33 -17.59 -42.49
CA GLU B 21 -23.17 -18.39 -43.70
C GLU B 21 -23.98 -19.67 -43.61
N LEU B 22 -23.95 -20.33 -42.45
CA LEU B 22 -24.71 -21.56 -42.27
C LEU B 22 -26.17 -21.30 -42.00
N GLN B 23 -26.57 -20.03 -41.84
CA GLN B 23 -27.99 -19.71 -41.64
C GLN B 23 -28.88 -20.31 -42.72
N ASN B 24 -28.31 -20.62 -43.88
CA ASN B 24 -29.06 -21.22 -44.99
C ASN B 24 -28.85 -22.72 -45.07
N TYR B 25 -28.74 -23.40 -43.92
CA TYR B 25 -28.57 -24.84 -43.87
C TYR B 25 -29.62 -25.52 -43.01
N GLY B 26 -30.69 -24.81 -42.65
CA GLY B 26 -31.71 -25.38 -41.79
C GLY B 26 -31.66 -24.81 -40.39
N ILE B 27 -30.56 -24.11 -40.11
CA ILE B 27 -30.28 -23.51 -38.80
C ILE B 27 -31.16 -22.29 -38.58
N ASN B 28 -32.17 -22.10 -39.44
CA ASN B 28 -32.87 -20.84 -39.62
C ASN B 28 -32.95 -20.02 -38.35
N ALA B 29 -32.81 -18.70 -38.50
CA ALA B 29 -32.31 -17.82 -37.44
C ALA B 29 -33.34 -17.55 -36.36
N SER B 30 -34.38 -18.38 -36.26
CA SER B 30 -35.31 -18.29 -35.15
C SER B 30 -34.54 -18.24 -33.83
N ASP B 31 -33.59 -19.16 -33.66
CA ASP B 31 -32.77 -19.22 -32.47
C ASP B 31 -31.40 -18.62 -32.72
N LEU B 32 -31.16 -18.11 -33.93
CA LEU B 32 -29.88 -17.49 -34.23
C LEU B 32 -29.55 -16.40 -33.21
N GLN B 33 -30.56 -15.66 -32.78
CA GLN B 33 -30.36 -14.69 -31.71
C GLN B 33 -29.91 -15.38 -30.43
N LYS B 34 -30.51 -16.52 -30.13
CA LYS B 34 -30.06 -17.33 -29.00
C LYS B 34 -28.57 -17.65 -29.13
N LEU B 35 -28.18 -18.18 -30.29
CA LEU B 35 -26.79 -18.54 -30.52
C LEU B 35 -25.87 -17.34 -30.29
N LYS B 36 -26.14 -16.25 -31.00
CA LYS B 36 -25.30 -15.06 -30.87
C LYS B 36 -25.21 -14.59 -29.43
N SER B 37 -26.35 -14.48 -28.75
CA SER B 37 -26.34 -14.09 -27.34
C SER B 37 -25.36 -14.92 -26.53
N GLY B 38 -25.22 -16.21 -26.89
CA GLY B 38 -24.25 -17.05 -26.24
C GLY B 38 -22.80 -16.73 -26.56
N GLY B 39 -22.55 -15.73 -27.40
CA GLY B 39 -21.20 -15.37 -27.74
C GLY B 39 -20.81 -15.85 -29.13
N ILE B 40 -21.37 -16.97 -29.55
CA ILE B 40 -21.06 -17.57 -30.84
C ILE B 40 -21.37 -16.57 -31.95
N TYR B 41 -20.36 -16.16 -32.70
CA TYR B 41 -20.53 -15.23 -33.80
C TYR B 41 -19.93 -15.75 -35.10
N THR B 42 -18.81 -16.46 -35.02
CA THR B 42 -18.23 -17.06 -36.21
C THR B 42 -18.65 -18.52 -36.32
N VAL B 43 -18.23 -19.15 -37.42
CA VAL B 43 -18.48 -20.58 -37.58
C VAL B 43 -17.44 -21.38 -36.79
N ASN B 44 -16.17 -21.00 -36.89
CA ASN B 44 -15.12 -21.67 -36.14
C ASN B 44 -15.52 -21.87 -34.68
N THR B 45 -15.95 -20.79 -34.02
CA THR B 45 -16.36 -20.90 -32.63
C THR B 45 -17.47 -21.92 -32.43
N VAL B 46 -18.22 -22.23 -33.48
CA VAL B 46 -19.23 -23.28 -33.37
C VAL B 46 -18.57 -24.65 -33.35
N LEU B 47 -17.51 -24.83 -34.13
CA LEU B 47 -16.80 -26.11 -34.14
C LEU B 47 -16.03 -26.35 -32.85
N SER B 48 -15.47 -25.29 -32.27
CA SER B 48 -14.64 -25.41 -31.08
C SER B 48 -15.42 -25.25 -29.79
N THR B 49 -16.72 -25.55 -29.81
CA THR B 49 -17.54 -25.51 -28.61
C THR B 49 -18.16 -26.89 -28.39
N THR B 50 -17.90 -27.46 -27.22
CA THR B 50 -18.41 -28.80 -26.93
C THR B 50 -19.93 -28.80 -26.92
N ARG B 51 -20.52 -29.90 -27.40
CA ARG B 51 -21.97 -30.02 -27.37
C ARG B 51 -22.51 -29.72 -25.98
N ARG B 52 -21.97 -30.40 -24.97
CA ARG B 52 -22.43 -30.22 -23.60
C ARG B 52 -22.59 -28.74 -23.27
N HIS B 53 -21.60 -27.93 -23.64
CA HIS B 53 -21.67 -26.50 -23.36
C HIS B 53 -22.65 -25.78 -24.27
N LEU B 54 -22.96 -26.33 -25.44
CA LEU B 54 -23.88 -25.67 -26.36
C LEU B 54 -25.33 -25.90 -25.98
N CYS B 55 -25.63 -27.00 -25.28
CA CYS B 55 -26.99 -27.27 -24.82
C CYS B 55 -27.26 -26.65 -23.45
N LYS B 56 -26.50 -25.61 -23.09
CA LYS B 56 -26.72 -24.88 -21.85
C LYS B 56 -27.10 -23.42 -22.12
N ILE B 57 -27.62 -23.12 -23.30
CA ILE B 57 -28.02 -21.76 -23.63
C ILE B 57 -29.54 -21.62 -23.75
N LYS B 58 -30.29 -22.51 -23.11
CA LYS B 58 -31.71 -22.30 -22.82
C LYS B 58 -32.52 -22.05 -24.09
N GLY B 59 -32.63 -23.11 -24.90
CA GLY B 59 -33.40 -23.03 -26.12
C GLY B 59 -32.87 -23.84 -27.28
N LEU B 60 -31.74 -24.52 -27.08
CA LEU B 60 -31.23 -25.51 -28.03
C LEU B 60 -30.87 -26.76 -27.23
N SER B 61 -31.78 -27.72 -27.19
CA SER B 61 -31.64 -28.83 -26.25
C SER B 61 -30.74 -29.96 -26.74
N GLU B 62 -31.19 -30.74 -27.74
CA GLU B 62 -30.31 -31.76 -28.29
C GLU B 62 -30.21 -31.74 -29.81
N VAL B 63 -31.36 -31.75 -30.50
CA VAL B 63 -31.35 -31.98 -31.94
C VAL B 63 -30.92 -30.74 -32.69
N LYS B 64 -31.36 -29.57 -32.25
CA LYS B 64 -30.89 -28.34 -32.86
C LYS B 64 -29.38 -28.26 -32.84
N VAL B 65 -28.75 -28.69 -31.75
CA VAL B 65 -27.29 -28.68 -31.68
C VAL B 65 -26.69 -29.67 -32.66
N GLU B 66 -27.29 -30.86 -32.78
CA GLU B 66 -26.79 -31.82 -33.75
C GLU B 66 -26.83 -31.26 -35.16
N LYS B 67 -27.95 -30.66 -35.55
CA LYS B 67 -28.04 -30.10 -36.90
C LYS B 67 -27.11 -28.91 -37.09
N ILE B 68 -26.95 -28.09 -36.04
CA ILE B 68 -26.02 -26.97 -36.12
C ILE B 68 -24.61 -27.46 -36.36
N LYS B 69 -24.20 -28.51 -35.64
CA LYS B 69 -22.86 -29.04 -35.81
C LYS B 69 -22.69 -29.70 -37.17
N GLU B 70 -23.70 -30.44 -37.61
CA GLU B 70 -23.64 -31.01 -38.96
C GLU B 70 -23.42 -29.91 -39.99
N ALA B 71 -24.21 -28.83 -39.90
CA ALA B 71 -24.01 -27.71 -40.81
C ALA B 71 -22.59 -27.18 -40.71
N ALA B 72 -22.21 -26.67 -39.53
CA ALA B 72 -20.90 -26.08 -39.35
C ALA B 72 -19.78 -26.96 -39.87
N GLY B 73 -19.89 -28.29 -39.73
CA GLY B 73 -18.94 -29.18 -40.32
C GLY B 73 -19.05 -29.30 -41.82
N LYS B 74 -20.24 -29.07 -42.36
CA LYS B 74 -20.41 -29.09 -43.81
C LYS B 74 -19.72 -27.90 -44.48
N ILE B 75 -19.60 -26.78 -43.77
CA ILE B 75 -18.90 -25.62 -44.32
C ILE B 75 -17.41 -25.93 -44.48
N ILE B 76 -16.76 -26.31 -43.38
CA ILE B 76 -15.33 -26.55 -43.39
C ILE B 76 -15.05 -27.89 -42.72
N GLN B 77 -13.89 -28.45 -43.03
CA GLN B 77 -13.47 -29.74 -42.50
C GLN B 77 -12.25 -29.57 -41.62
N VAL B 78 -12.19 -30.38 -40.56
CA VAL B 78 -11.03 -30.44 -39.67
C VAL B 78 -10.64 -31.91 -39.58
N GLY B 79 -9.73 -32.33 -40.46
CA GLY B 79 -9.26 -33.70 -40.45
C GLY B 79 -7.79 -33.78 -40.13
N PHE B 80 -6.98 -34.21 -41.10
CA PHE B 80 -5.53 -34.25 -40.94
C PHE B 80 -4.89 -33.59 -42.15
N ILE B 81 -4.76 -32.27 -42.10
CA ILE B 81 -3.94 -31.58 -43.10
C ILE B 81 -2.50 -32.04 -42.94
N PRO B 82 -1.86 -32.57 -43.98
CA PRO B 82 -0.75 -33.51 -43.73
C PRO B 82 0.37 -32.92 -42.91
N ALA B 83 1.19 -32.03 -43.47
CA ALA B 83 2.02 -31.16 -42.64
C ALA B 83 2.29 -29.84 -43.34
N THR B 84 2.26 -29.86 -44.68
CA THR B 84 2.78 -28.74 -45.45
C THR B 84 1.71 -27.70 -45.71
N VAL B 85 0.48 -28.15 -45.98
CA VAL B 85 -0.64 -27.21 -45.99
C VAL B 85 -0.69 -26.47 -44.67
N GLN B 86 -0.20 -27.11 -43.61
CA GLN B 86 -0.06 -26.42 -42.32
C GLN B 86 1.03 -25.36 -42.40
N LEU B 87 2.25 -25.76 -42.78
CA LEU B 87 3.33 -24.80 -42.91
C LEU B 87 2.93 -23.60 -43.73
N ASP B 88 2.01 -23.78 -44.68
CA ASP B 88 1.50 -22.68 -45.50
C ASP B 88 0.47 -21.86 -44.73
N ILE B 89 -0.60 -22.52 -44.27
CA ILE B 89 -1.60 -21.86 -43.45
C ILE B 89 -0.95 -21.18 -42.25
N ARG B 90 0.23 -21.63 -41.85
CA ARG B 90 1.01 -21.03 -40.78
C ARG B 90 1.85 -19.87 -41.26
N GLN B 91 1.63 -19.39 -42.49
CA GLN B 91 2.49 -18.36 -43.05
C GLN B 91 1.99 -16.96 -42.72
N ARG B 92 0.72 -16.84 -42.34
CA ARG B 92 0.12 -15.55 -42.00
C ARG B 92 0.21 -15.25 -40.51
N VAL B 93 1.43 -15.13 -40.00
CA VAL B 93 1.61 -15.07 -38.55
C VAL B 93 1.71 -13.63 -38.06
N TYR B 94 2.15 -12.70 -38.90
CA TYR B 94 2.23 -11.30 -38.50
C TYR B 94 3.00 -11.12 -37.20
N SER B 95 4.29 -11.44 -37.18
CA SER B 95 5.12 -11.22 -36.01
C SER B 95 5.19 -9.72 -35.74
N LEU B 96 4.66 -9.29 -34.60
CA LEU B 96 4.59 -7.88 -34.24
C LEU B 96 5.91 -7.47 -33.60
N SER B 97 6.41 -6.29 -33.97
CA SER B 97 7.66 -5.81 -33.41
C SER B 97 7.43 -5.25 -32.02
N THR B 98 8.44 -5.38 -31.17
CA THR B 98 8.31 -4.89 -29.80
C THR B 98 8.89 -3.49 -29.63
N GLY B 99 9.83 -3.11 -30.49
CA GLY B 99 10.36 -1.76 -30.43
C GLY B 99 11.86 -1.69 -30.18
N SER B 100 12.45 -2.82 -29.78
CA SER B 100 13.89 -2.88 -29.55
C SER B 100 14.47 -3.96 -30.43
N LYS B 101 15.21 -3.55 -31.46
CA LYS B 101 15.69 -4.48 -32.47
C LYS B 101 16.25 -5.75 -31.87
N GLN B 102 17.05 -5.62 -30.80
CA GLN B 102 17.65 -6.79 -30.19
C GLN B 102 16.59 -7.76 -29.70
N LEU B 103 15.55 -7.24 -29.06
CA LEU B 103 14.49 -8.12 -28.55
C LEU B 103 13.74 -8.78 -29.70
N ASP B 104 13.37 -8.01 -30.72
CA ASP B 104 12.68 -8.61 -31.86
C ASP B 104 13.54 -9.68 -32.51
N SER B 105 14.87 -9.52 -32.45
CA SER B 105 15.76 -10.53 -33.01
C SER B 105 15.81 -11.77 -32.14
N ILE B 106 15.79 -11.59 -30.81
CA ILE B 106 15.78 -12.73 -29.91
C ILE B 106 14.46 -13.48 -29.90
N LEU B 107 13.36 -12.82 -30.25
CA LEU B 107 12.07 -13.50 -30.31
C LEU B 107 11.73 -14.03 -31.69
N GLY B 108 12.55 -13.78 -32.69
CA GLY B 108 12.27 -14.18 -34.05
C GLY B 108 11.59 -13.14 -34.90
N GLY B 109 11.51 -11.90 -34.43
CA GLY B 109 10.83 -10.86 -35.18
C GLY B 109 9.90 -10.06 -34.29
N GLY B 110 9.52 -10.63 -33.15
CA GLY B 110 8.64 -9.97 -32.23
C GLY B 110 7.60 -10.89 -31.63
N ILE B 111 6.45 -10.33 -31.25
CA ILE B 111 5.38 -11.11 -30.65
C ILE B 111 4.65 -11.86 -31.77
N MET B 112 4.76 -13.18 -31.78
CA MET B 112 4.06 -13.97 -32.78
C MET B 112 2.56 -13.88 -32.55
N THR B 113 1.80 -13.96 -33.64
CA THR B 113 0.35 -13.94 -33.55
C THR B 113 -0.17 -15.36 -33.36
N MET B 114 -1.47 -15.47 -33.11
CA MET B 114 -2.11 -16.73 -32.76
C MET B 114 -1.29 -17.50 -31.74
N SER B 115 -1.06 -16.84 -30.61
CA SER B 115 -0.27 -17.39 -29.52
C SER B 115 -0.30 -16.42 -28.36
N ILE B 116 -0.02 -16.94 -27.17
CA ILE B 116 -0.01 -16.18 -25.93
C ILE B 116 1.43 -15.92 -25.54
N THR B 117 1.78 -14.65 -25.33
CA THR B 117 3.10 -14.25 -24.91
C THR B 117 2.98 -13.58 -23.55
N GLU B 118 3.74 -14.06 -22.58
CA GLU B 118 3.68 -13.55 -21.22
C GLU B 118 4.97 -12.84 -20.86
N VAL B 119 4.83 -11.78 -20.08
CA VAL B 119 5.97 -11.00 -19.62
C VAL B 119 5.83 -10.75 -18.13
N PHE B 120 6.78 -11.22 -17.35
CA PHE B 120 6.69 -11.14 -15.89
C PHE B 120 7.99 -10.61 -15.33
N GLY B 121 7.89 -9.62 -14.45
CA GLY B 121 9.04 -9.10 -13.74
C GLY B 121 8.60 -8.16 -12.64
N GLU B 122 9.51 -7.76 -11.77
CA GLU B 122 9.17 -6.91 -10.65
C GLU B 122 8.86 -5.50 -11.15
N PHE B 123 8.51 -4.62 -10.22
CA PHE B 123 8.03 -3.31 -10.59
C PHE B 123 9.08 -2.54 -11.40
N ARG B 124 8.64 -1.43 -11.97
CA ARG B 124 9.50 -0.50 -12.71
C ARG B 124 10.29 -1.18 -13.81
N CYS B 125 9.90 -2.38 -14.21
CA CYS B 125 10.50 -3.02 -15.37
C CYS B 125 9.80 -2.63 -16.67
N GLY B 126 8.79 -1.78 -16.59
CA GLY B 126 8.11 -1.32 -17.80
C GLY B 126 7.36 -2.39 -18.54
N LYS B 127 7.13 -3.55 -17.90
CA LYS B 127 6.30 -4.56 -18.53
C LYS B 127 4.90 -4.03 -18.83
N THR B 128 4.51 -2.92 -18.22
CA THR B 128 3.29 -2.22 -18.55
C THR B 128 3.53 -1.09 -19.54
N GLN B 129 4.78 -0.82 -19.88
CA GLN B 129 5.14 0.11 -20.94
C GLN B 129 5.33 -0.58 -22.28
N MET B 130 5.81 -1.83 -22.26
CA MET B 130 5.81 -2.61 -23.47
C MET B 130 4.40 -2.76 -24.02
N SER B 131 3.39 -2.75 -23.15
CA SER B 131 2.02 -2.79 -23.63
C SER B 131 1.69 -1.57 -24.48
N HIS B 132 2.04 -0.38 -24.01
CA HIS B 132 1.81 0.82 -24.83
C HIS B 132 2.64 0.79 -26.09
N THR B 133 3.90 0.36 -25.99
CA THR B 133 4.75 0.29 -27.17
C THR B 133 4.13 -0.61 -28.24
N LEU B 134 3.54 -1.72 -27.82
CA LEU B 134 2.87 -2.59 -28.78
C LEU B 134 1.61 -1.94 -29.31
N CYS B 135 0.82 -1.34 -28.42
CA CYS B 135 -0.41 -0.66 -28.80
C CYS B 135 -0.14 0.31 -29.93
N VAL B 136 1.02 0.97 -29.90
CA VAL B 136 1.38 1.94 -30.92
C VAL B 136 2.09 1.31 -32.11
N THR B 137 2.84 0.23 -31.92
CA THR B 137 3.65 -0.36 -32.97
C THR B 137 2.94 -1.51 -33.67
N THR B 138 1.64 -1.69 -33.41
CA THR B 138 0.84 -2.65 -34.14
C THR B 138 0.17 -2.05 -35.36
N GLN B 139 0.08 -0.73 -35.44
CA GLN B 139 -0.59 -0.02 -36.52
C GLN B 139 0.39 0.46 -37.58
N LEU B 140 1.52 -0.23 -37.73
CA LEU B 140 2.52 0.10 -38.73
C LEU B 140 2.45 -0.89 -39.88
N PRO B 141 2.79 -0.47 -41.09
CA PRO B 141 2.77 -1.40 -42.22
C PRO B 141 3.60 -2.64 -41.92
N ARG B 142 3.12 -3.78 -42.40
CA ARG B 142 3.74 -5.07 -42.09
C ARG B 142 5.26 -5.03 -42.21
N GLU B 143 5.77 -4.28 -43.17
CA GLU B 143 7.20 -4.22 -43.40
C GLU B 143 7.90 -3.37 -42.34
N MET B 144 7.16 -2.99 -41.31
CA MET B 144 7.73 -2.23 -40.20
C MET B 144 7.68 -3.03 -38.91
N GLY B 145 6.83 -4.06 -38.87
CA GLY B 145 6.78 -4.93 -37.72
C GLY B 145 5.40 -5.35 -37.26
N GLY B 146 4.39 -4.52 -37.47
CA GLY B 146 3.05 -4.87 -37.05
C GLY B 146 2.10 -5.04 -38.21
N GLY B 147 1.09 -4.18 -38.30
CA GLY B 147 0.32 -4.03 -39.51
C GLY B 147 -1.18 -3.91 -39.37
N GLU B 148 -1.70 -2.81 -39.91
CA GLU B 148 -3.12 -2.65 -40.22
C GLU B 148 -4.03 -3.36 -39.22
N GLY B 149 -3.81 -3.16 -37.93
CA GLY B 149 -4.57 -3.84 -36.91
C GLY B 149 -5.01 -2.90 -35.80
N LYS B 150 -6.26 -3.05 -35.38
CA LYS B 150 -6.73 -2.43 -34.17
C LYS B 150 -6.18 -3.19 -32.96
N VAL B 151 -6.45 -2.68 -31.78
CA VAL B 151 -5.94 -3.28 -30.55
C VAL B 151 -7.05 -3.32 -29.52
N ALA B 152 -7.10 -4.40 -28.76
CA ALA B 152 -8.01 -4.53 -27.63
C ALA B 152 -7.18 -4.51 -26.35
N TYR B 153 -7.61 -3.71 -25.38
CA TYR B 153 -6.84 -3.49 -24.17
C TYR B 153 -7.74 -3.69 -22.97
N ILE B 154 -7.35 -4.61 -22.09
CA ILE B 154 -8.09 -4.91 -20.87
C ILE B 154 -7.18 -4.57 -19.70
N ASP B 155 -7.53 -3.49 -18.99
CA ASP B 155 -6.72 -3.00 -17.89
C ASP B 155 -7.29 -3.53 -16.58
N THR B 156 -6.45 -4.17 -15.79
CA THR B 156 -6.86 -4.73 -14.50
C THR B 156 -6.23 -3.98 -13.33
N GLU B 157 -5.38 -2.98 -13.59
CA GLU B 157 -4.85 -2.19 -12.49
C GLU B 157 -4.79 -0.70 -12.81
N GLY B 158 -5.56 -0.20 -13.76
CA GLY B 158 -5.39 1.17 -14.18
C GLY B 158 -4.06 1.34 -14.88
N THR B 159 -3.58 2.57 -14.96
CA THR B 159 -2.27 2.86 -15.56
C THR B 159 -2.30 2.71 -17.07
N PHE B 160 -3.45 2.95 -17.68
CA PHE B 160 -3.55 3.03 -19.14
C PHE B 160 -3.58 4.50 -19.55
N ARG B 161 -2.41 5.14 -19.53
CA ARG B 161 -2.34 6.54 -19.85
C ARG B 161 -2.31 6.75 -21.36
N PRO B 162 -3.39 7.20 -21.98
CA PRO B 162 -3.40 7.40 -23.43
C PRO B 162 -2.42 8.48 -23.85
N GLU B 163 -2.09 9.37 -22.93
CA GLU B 163 -1.08 10.38 -23.21
C GLU B 163 0.22 9.72 -23.69
N ARG B 164 0.55 8.59 -23.05
CA ARG B 164 1.76 7.80 -23.41
C ARG B 164 1.59 7.31 -24.85
N ILE B 165 0.41 6.77 -25.17
CA ILE B 165 0.14 6.31 -26.52
C ILE B 165 0.40 7.41 -27.53
N LYS B 166 -0.08 8.62 -27.25
CA LYS B 166 0.10 9.72 -28.17
C LYS B 166 1.57 10.12 -28.28
N GLN B 167 2.27 10.14 -27.14
CA GLN B 167 3.70 10.45 -27.16
C GLN B 167 4.45 9.47 -28.05
N ILE B 168 4.22 8.18 -27.84
CA ILE B 168 4.92 7.16 -28.63
C ILE B 168 4.54 7.28 -30.10
N ALA B 169 3.26 7.50 -30.39
CA ALA B 169 2.87 7.68 -31.78
C ALA B 169 3.65 8.82 -32.43
N GLU B 170 3.59 10.02 -31.83
CA GLU B 170 4.39 11.13 -32.35
C GLU B 170 5.84 10.74 -32.53
N GLY B 171 6.43 10.01 -31.58
CA GLY B 171 7.80 9.57 -31.75
C GLY B 171 8.01 8.59 -32.88
N TYR B 172 6.95 7.92 -33.32
CA TYR B 172 7.02 6.97 -34.42
C TYR B 172 6.55 7.58 -35.74
N GLU B 173 6.41 8.91 -35.79
CA GLU B 173 5.95 9.57 -37.00
C GLU B 173 4.60 9.02 -37.43
N LEU B 174 3.58 9.23 -36.59
CA LEU B 174 2.26 8.69 -36.86
C LEU B 174 1.23 9.59 -36.21
N ASP B 175 0.10 9.80 -36.88
CA ASP B 175 -0.95 10.67 -36.37
C ASP B 175 -1.50 10.14 -35.06
N PRO B 176 -1.23 10.80 -33.94
CA PRO B 176 -1.75 10.30 -32.65
C PRO B 176 -3.25 10.08 -32.66
N GLU B 177 -4.03 11.09 -33.02
CA GLU B 177 -5.49 10.97 -33.07
C GLU B 177 -5.89 9.69 -33.77
N SER B 178 -5.19 9.35 -34.85
CA SER B 178 -5.50 8.14 -35.59
C SER B 178 -5.33 6.90 -34.70
N CYS B 179 -4.16 6.74 -34.10
CA CYS B 179 -3.90 5.55 -33.31
C CYS B 179 -4.85 5.46 -32.13
N LEU B 180 -5.05 6.57 -31.42
CA LEU B 180 -5.95 6.55 -30.26
C LEU B 180 -7.38 6.23 -30.67
N ALA B 181 -7.64 6.10 -31.98
CA ALA B 181 -8.93 5.66 -32.45
C ALA B 181 -9.00 4.17 -32.73
N ASN B 182 -7.90 3.56 -33.14
CA ASN B 182 -7.85 2.14 -33.44
C ASN B 182 -7.68 1.29 -32.19
N VAL B 183 -7.65 1.89 -31.02
CA VAL B 183 -7.53 1.19 -29.76
C VAL B 183 -8.92 1.08 -29.13
N SER B 184 -9.18 -0.02 -28.44
CA SER B 184 -10.39 -0.21 -27.67
C SER B 184 -9.99 -0.52 -26.24
N TYR B 185 -10.60 0.16 -25.28
CA TYR B 185 -10.19 0.09 -23.89
C TYR B 185 -11.32 -0.44 -23.03
N ALA B 186 -10.96 -1.27 -22.05
CA ALA B 186 -11.93 -1.79 -21.09
C ALA B 186 -11.25 -1.98 -19.75
N ARG B 187 -11.83 -1.40 -18.71
CA ARG B 187 -11.27 -1.45 -17.37
C ARG B 187 -11.98 -2.54 -16.59
N ALA B 188 -11.46 -3.76 -16.65
CA ALA B 188 -12.03 -4.85 -15.87
C ALA B 188 -11.98 -4.52 -14.39
N LEU B 189 -13.07 -4.78 -13.70
CA LEU B 189 -13.21 -4.39 -12.30
C LEU B 189 -12.95 -5.53 -11.34
N ASN B 190 -13.46 -6.72 -11.62
CA ASN B 190 -13.21 -7.89 -10.79
C ASN B 190 -13.12 -9.12 -11.68
N SER B 191 -12.55 -10.19 -11.11
CA SER B 191 -12.27 -11.40 -11.88
C SER B 191 -13.47 -11.81 -12.73
N GLU B 192 -14.63 -11.92 -12.11
CA GLU B 192 -15.80 -12.45 -12.83
C GLU B 192 -16.28 -11.46 -13.89
N HIS B 193 -15.79 -10.22 -13.82
CA HIS B 193 -16.03 -9.26 -14.90
C HIS B 193 -14.94 -9.35 -15.96
N GLN B 194 -13.69 -9.53 -15.55
CA GLN B 194 -12.62 -9.77 -16.50
C GLN B 194 -12.95 -10.96 -17.40
N MET B 195 -13.56 -11.99 -16.82
CA MET B 195 -13.92 -13.16 -17.62
C MET B 195 -15.13 -12.89 -18.49
N GLU B 196 -16.05 -12.03 -18.02
CA GLU B 196 -17.15 -11.61 -18.87
C GLU B 196 -16.65 -10.89 -20.10
N LEU B 197 -15.61 -10.06 -19.93
CA LEU B 197 -15.19 -9.19 -21.03
C LEU B 197 -14.74 -9.99 -22.24
N VAL B 198 -14.03 -11.11 -22.03
CA VAL B 198 -13.48 -11.85 -23.16
C VAL B 198 -14.60 -12.42 -24.03
N GLU B 199 -15.68 -12.84 -23.40
CA GLU B 199 -16.81 -13.36 -24.16
C GLU B 199 -17.28 -12.33 -25.18
N GLN B 200 -17.68 -11.15 -24.71
CA GLN B 200 -18.05 -10.06 -25.60
C GLN B 200 -16.96 -9.82 -26.63
N LEU B 201 -15.70 -9.75 -26.16
CA LEU B 201 -14.58 -9.52 -27.08
C LEU B 201 -14.63 -10.49 -28.25
N GLY B 202 -15.14 -11.69 -28.01
CA GLY B 202 -15.35 -12.62 -29.09
C GLY B 202 -16.18 -12.06 -30.23
N GLU B 203 -16.91 -10.97 -29.99
CA GLU B 203 -17.74 -10.35 -31.01
C GLU B 203 -16.95 -9.43 -31.93
N GLU B 204 -16.37 -8.37 -31.38
CA GLU B 204 -15.68 -7.39 -32.21
C GLU B 204 -14.62 -8.04 -33.07
N LEU B 205 -13.97 -9.09 -32.57
CA LEU B 205 -12.99 -9.81 -33.36
C LEU B 205 -13.63 -10.60 -34.50
N SER B 206 -14.96 -10.67 -34.55
CA SER B 206 -15.64 -11.39 -35.61
C SER B 206 -15.54 -10.66 -36.94
N SER B 207 -15.72 -9.35 -36.93
CA SER B 207 -15.60 -8.53 -38.13
C SER B 207 -14.73 -7.33 -37.78
N GLY B 208 -13.52 -7.31 -38.31
CA GLY B 208 -12.63 -6.19 -38.10
C GLY B 208 -11.19 -6.64 -38.25
N ASP B 209 -10.29 -5.72 -37.91
CA ASP B 209 -8.85 -5.95 -37.98
C ASP B 209 -8.28 -5.70 -36.59
N TYR B 210 -8.30 -6.72 -35.76
CA TYR B 210 -7.64 -6.70 -34.46
C TYR B 210 -6.41 -7.59 -34.54
N ARG B 211 -5.25 -7.03 -34.23
CA ARG B 211 -4.03 -7.81 -34.31
C ARG B 211 -3.68 -8.43 -32.96
N LEU B 212 -3.64 -7.65 -31.89
CA LEU B 212 -3.28 -8.17 -30.59
C LEU B 212 -4.31 -7.78 -29.54
N ILE B 213 -4.49 -8.66 -28.56
CA ILE B 213 -5.21 -8.36 -27.33
C ILE B 213 -4.18 -8.22 -26.23
N VAL B 214 -4.43 -7.33 -25.28
CA VAL B 214 -3.49 -7.04 -24.20
C VAL B 214 -4.22 -7.17 -22.88
N VAL B 215 -3.57 -7.80 -21.91
CA VAL B 215 -4.12 -7.95 -20.57
C VAL B 215 -3.02 -7.58 -19.58
N ASP B 216 -3.08 -6.36 -19.06
CA ASP B 216 -2.08 -6.02 -18.01
C ASP B 216 -2.47 -6.84 -16.78
N SER B 217 -1.54 -7.48 -16.10
CA SER B 217 -1.73 -8.21 -14.85
C SER B 217 -2.86 -9.21 -14.99
N ILE B 218 -2.67 -10.20 -15.85
CA ILE B 218 -3.66 -11.24 -16.10
C ILE B 218 -4.22 -11.80 -14.79
N MET B 219 -3.47 -11.64 -13.70
CA MET B 219 -3.88 -12.26 -12.45
C MET B 219 -3.96 -11.24 -11.32
N ALA B 220 -3.94 -9.96 -11.65
CA ALA B 220 -4.07 -8.93 -10.62
C ALA B 220 -5.37 -9.10 -9.84
N ASN B 221 -6.42 -9.57 -10.51
CA ASN B 221 -7.71 -9.72 -9.85
C ASN B 221 -7.83 -11.07 -9.16
N PHE B 222 -7.56 -12.16 -9.89
CA PHE B 222 -7.67 -13.48 -9.28
C PHE B 222 -6.89 -13.56 -7.97
N ARG B 223 -5.76 -12.86 -7.90
CA ARG B 223 -4.99 -12.84 -6.66
C ARG B 223 -5.81 -12.33 -5.49
N VAL B 224 -6.90 -11.62 -5.74
CA VAL B 224 -7.68 -10.98 -4.69
C VAL B 224 -9.02 -11.65 -4.46
N ASP B 225 -9.73 -12.04 -5.52
CA ASP B 225 -11.05 -12.62 -5.34
C ASP B 225 -10.98 -13.98 -4.66
N TYR B 226 -9.80 -14.62 -4.66
CA TYR B 226 -9.62 -15.91 -4.03
C TYR B 226 -8.37 -15.86 -3.17
N CYS B 227 -8.55 -15.82 -1.86
CA CYS B 227 -7.44 -15.67 -0.91
C CYS B 227 -7.30 -16.94 -0.09
N GLY B 228 -6.07 -17.39 0.08
CA GLY B 228 -5.78 -18.57 0.88
C GLY B 228 -5.93 -19.85 0.08
N ARG B 229 -5.21 -20.87 0.53
CA ARG B 229 -5.25 -22.17 -0.12
C ARG B 229 -6.53 -22.91 0.19
N GLY B 230 -7.49 -22.26 0.84
CA GLY B 230 -8.80 -22.84 1.05
C GLY B 230 -9.61 -22.78 -0.22
N GLU B 231 -9.39 -21.75 -1.02
CA GLU B 231 -10.05 -21.58 -2.31
C GLU B 231 -9.06 -21.46 -3.45
N LEU B 232 -7.92 -22.13 -3.35
CA LEU B 232 -6.93 -22.08 -4.42
C LEU B 232 -7.43 -22.81 -5.66
N SER B 233 -7.80 -24.08 -5.50
CA SER B 233 -8.23 -24.88 -6.65
C SER B 233 -9.32 -24.17 -7.44
N GLU B 234 -10.31 -23.61 -6.75
CA GLU B 234 -11.38 -22.90 -7.44
C GLU B 234 -10.88 -21.67 -8.17
N ARG B 235 -9.72 -21.15 -7.80
CA ARG B 235 -9.11 -20.05 -8.53
C ARG B 235 -8.35 -20.53 -9.74
N GLN B 236 -7.54 -21.58 -9.56
CA GLN B 236 -6.77 -22.11 -10.68
C GLN B 236 -7.68 -22.62 -11.78
N GLN B 237 -8.83 -23.18 -11.42
CA GLN B 237 -9.74 -23.70 -12.44
C GLN B 237 -10.34 -22.57 -13.26
N LYS B 238 -10.85 -21.54 -12.60
CA LYS B 238 -11.34 -20.37 -13.32
C LYS B 238 -10.26 -19.77 -14.19
N LEU B 239 -9.04 -19.66 -13.65
CA LEU B 239 -7.95 -19.09 -14.44
C LEU B 239 -7.67 -19.94 -15.67
N ASN B 240 -7.71 -21.27 -15.53
CA ASN B 240 -7.46 -22.14 -16.66
C ASN B 240 -8.53 -21.96 -17.73
N GLN B 241 -9.79 -21.88 -17.31
CA GLN B 241 -10.85 -21.62 -18.27
C GLN B 241 -10.62 -20.30 -19.00
N HIS B 242 -10.28 -19.27 -18.24
CA HIS B 242 -10.05 -17.96 -18.83
C HIS B 242 -8.91 -18.00 -19.84
N LEU B 243 -7.80 -18.62 -19.48
CA LEU B 243 -6.65 -18.68 -20.37
C LEU B 243 -6.96 -19.51 -21.61
N PHE B 244 -7.75 -20.58 -21.45
CA PHE B 244 -8.12 -21.38 -22.60
C PHE B 244 -8.96 -20.57 -23.57
N LYS B 245 -9.92 -19.81 -23.05
CA LYS B 245 -10.74 -18.98 -23.92
C LYS B 245 -9.86 -18.02 -24.73
N LEU B 246 -8.89 -17.39 -24.07
CA LEU B 246 -7.97 -16.52 -24.78
C LEU B 246 -7.22 -17.29 -25.87
N ASN B 247 -6.43 -18.29 -25.46
CA ASN B 247 -5.68 -19.06 -26.43
C ASN B 247 -6.53 -19.51 -27.60
N ARG B 248 -7.83 -19.71 -27.39
CA ARG B 248 -8.70 -20.10 -28.48
C ARG B 248 -9.02 -18.91 -29.38
N LEU B 249 -9.37 -17.77 -28.78
CA LEU B 249 -9.58 -16.56 -29.57
C LEU B 249 -8.35 -16.24 -30.42
N ALA B 250 -7.20 -16.10 -29.76
CA ALA B 250 -5.96 -15.81 -30.45
C ALA B 250 -5.66 -16.78 -31.58
N GLU B 251 -6.32 -17.93 -31.60
CA GLU B 251 -6.07 -18.95 -32.62
C GLU B 251 -7.07 -18.91 -33.77
N GLU B 252 -8.35 -18.72 -33.48
CA GLU B 252 -9.35 -18.70 -34.54
C GLU B 252 -9.56 -17.32 -35.14
N PHE B 253 -8.70 -16.36 -34.82
CA PHE B 253 -8.79 -15.02 -35.40
C PHE B 253 -7.44 -14.48 -35.84
N ASN B 254 -6.41 -15.32 -35.84
CA ASN B 254 -5.05 -14.88 -36.14
C ASN B 254 -4.75 -13.58 -35.40
N VAL B 255 -4.86 -13.65 -34.09
CA VAL B 255 -4.64 -12.52 -33.19
C VAL B 255 -3.67 -12.95 -32.11
N ALA B 256 -2.71 -12.09 -31.81
CA ALA B 256 -1.75 -12.34 -30.75
C ALA B 256 -2.35 -11.96 -29.41
N VAL B 257 -1.85 -12.56 -28.35
CA VAL B 257 -2.27 -12.23 -26.99
C VAL B 257 -1.03 -11.88 -26.18
N PHE B 258 -1.10 -10.80 -25.43
CA PHE B 258 0.04 -10.31 -24.65
C PHE B 258 -0.41 -10.09 -23.22
N LEU B 259 0.15 -10.89 -22.31
CA LEU B 259 -0.23 -10.85 -20.90
C LEU B 259 0.94 -10.34 -20.08
N THR B 260 0.67 -9.42 -19.18
CA THR B 260 1.66 -9.01 -18.19
C THR B 260 1.35 -9.70 -16.87
N ASN B 261 2.41 -10.12 -16.19
CA ASN B 261 2.27 -10.89 -14.97
C ASN B 261 3.04 -10.20 -13.86
N GLN B 262 3.04 -10.82 -12.69
CA GLN B 262 3.70 -10.25 -11.52
C GLN B 262 4.65 -11.28 -10.92
N VAL B 263 5.38 -10.84 -9.91
CA VAL B 263 6.44 -11.64 -9.30
C VAL B 263 6.20 -11.74 -7.80
N GLN B 264 6.58 -12.87 -7.24
CA GLN B 264 6.49 -13.12 -5.82
C GLN B 264 7.85 -13.60 -5.32
N SER B 265 8.07 -13.45 -4.03
CA SER B 265 9.34 -13.80 -3.41
C SER B 265 9.21 -15.09 -2.63
N ASP B 266 10.25 -15.92 -2.69
CA ASP B 266 10.21 -17.24 -2.08
C ASP B 266 10.92 -17.21 -0.73
N PRO B 267 10.22 -17.25 0.39
CA PRO B 267 10.90 -17.17 1.68
C PRO B 267 11.51 -18.49 2.09
N GLY B 268 11.69 -19.40 1.14
CA GLY B 268 12.17 -20.73 1.46
C GLY B 268 13.67 -20.84 1.53
N ALA B 269 14.26 -21.70 0.70
CA ALA B 269 15.68 -22.03 0.85
C ALA B 269 16.58 -21.00 0.19
N SER B 270 17.90 -21.18 0.35
CA SER B 270 18.87 -20.28 -0.25
C SER B 270 19.69 -21.01 -1.31
N ALA B 271 19.05 -21.93 -2.03
CA ALA B 271 19.71 -22.72 -3.06
C ALA B 271 19.14 -22.36 -4.42
N LEU B 272 19.85 -22.78 -5.46
CA LEU B 272 19.46 -22.52 -6.85
C LEU B 272 19.00 -21.08 -7.06
N PHE B 273 19.91 -20.12 -6.81
CA PHE B 273 21.23 -20.47 -6.32
C PHE B 273 21.45 -19.93 -4.91
N ALA B 274 21.42 -18.61 -4.76
CA ALA B 274 21.43 -18.01 -3.43
C ALA B 274 20.57 -16.75 -3.36
N SER B 275 20.22 -16.19 -4.51
CA SER B 275 19.69 -14.84 -4.58
C SER B 275 18.79 -14.68 -5.81
N ALA B 276 18.65 -13.43 -6.25
CA ALA B 276 17.82 -13.11 -7.39
C ALA B 276 16.36 -13.50 -7.12
N ASP B 277 15.74 -12.85 -6.14
CA ASP B 277 14.37 -13.17 -5.78
C ASP B 277 13.35 -12.67 -6.81
N GLY B 278 13.71 -11.66 -7.59
CA GLY B 278 12.75 -11.10 -8.53
C GLY B 278 12.46 -12.04 -9.67
N ARG B 279 11.98 -13.23 -9.34
CA ARG B 279 11.66 -14.26 -10.33
C ARG B 279 10.49 -15.08 -9.83
N LYS B 280 10.30 -16.27 -10.38
CA LYS B 280 9.19 -17.10 -9.95
C LYS B 280 7.88 -16.35 -10.04
N PRO B 281 7.36 -16.14 -11.24
CA PRO B 281 6.08 -15.42 -11.37
C PRO B 281 4.97 -16.10 -10.60
N ILE B 282 3.83 -15.42 -10.48
CA ILE B 282 2.69 -15.97 -9.79
C ILE B 282 1.75 -16.57 -10.83
N GLY B 283 0.84 -17.42 -10.37
CA GLY B 283 -0.07 -18.08 -11.28
C GLY B 283 0.08 -19.59 -11.23
N GLY B 284 1.22 -20.05 -10.71
CA GLY B 284 1.49 -21.47 -10.58
C GLY B 284 1.79 -22.09 -11.94
N HIS B 285 1.44 -23.36 -12.08
CA HIS B 285 1.67 -24.08 -13.31
C HIS B 285 0.53 -23.94 -14.31
N VAL B 286 -0.69 -23.70 -13.84
CA VAL B 286 -1.81 -23.54 -14.76
C VAL B 286 -1.53 -22.43 -15.76
N LEU B 287 -0.77 -21.43 -15.35
CA LEU B 287 -0.42 -20.34 -16.25
C LEU B 287 0.92 -20.53 -16.94
N ALA B 288 1.83 -21.28 -16.34
CA ALA B 288 3.11 -21.52 -17.00
C ALA B 288 2.93 -22.37 -18.25
N HIS B 289 2.05 -23.37 -18.19
CA HIS B 289 1.80 -24.21 -19.37
C HIS B 289 1.08 -23.42 -20.44
N ALA B 290 -0.08 -22.84 -20.12
CA ALA B 290 -0.89 -22.15 -21.11
C ALA B 290 -0.09 -21.12 -21.90
N SER B 291 0.88 -20.46 -21.28
CA SER B 291 1.69 -19.47 -21.97
C SER B 291 2.63 -20.15 -22.95
N ALA B 292 2.67 -19.61 -24.17
CA ALA B 292 3.53 -20.17 -25.20
C ALA B 292 4.94 -19.60 -25.11
N THR B 293 5.05 -18.30 -24.84
CA THR B 293 6.33 -17.64 -24.69
C THR B 293 6.38 -16.93 -23.34
N ARG B 294 7.48 -17.13 -22.62
CA ARG B 294 7.69 -16.49 -21.33
C ARG B 294 8.90 -15.58 -21.43
N ILE B 295 8.86 -14.44 -20.75
CA ILE B 295 9.95 -13.49 -20.75
C ILE B 295 10.07 -12.86 -19.38
N LEU B 296 11.29 -12.80 -18.86
CA LEU B 296 11.57 -12.24 -17.55
C LEU B 296 12.30 -10.91 -17.73
N LEU B 297 11.73 -9.85 -17.17
CA LEU B 297 12.31 -8.52 -17.26
C LEU B 297 12.97 -8.18 -15.93
N ARG B 298 14.27 -7.89 -15.97
CA ARG B 298 15.04 -7.64 -14.77
C ARG B 298 15.71 -6.27 -14.88
N LYS B 299 15.96 -5.67 -13.74
CA LYS B 299 16.64 -4.38 -13.68
C LYS B 299 18.14 -4.59 -13.84
N GLY B 300 18.74 -3.79 -14.71
CA GLY B 300 20.17 -3.93 -14.99
C GLY B 300 20.99 -2.82 -14.38
N ARG B 301 21.58 -1.99 -15.23
CA ARG B 301 22.38 -0.85 -14.79
C ARG B 301 21.73 0.44 -15.24
N GLY B 302 21.88 1.48 -14.43
CA GLY B 302 21.30 2.76 -14.76
C GLY B 302 19.84 2.65 -15.13
N ASP B 303 19.52 2.94 -16.38
CA ASP B 303 18.16 2.89 -16.89
C ASP B 303 18.03 1.85 -17.99
N GLU B 304 18.78 0.76 -17.88
CA GLU B 304 18.75 -0.31 -18.86
C GLU B 304 18.37 -1.61 -18.19
N ARG B 305 17.39 -2.30 -18.77
CA ARG B 305 16.88 -3.56 -18.24
C ARG B 305 17.33 -4.71 -19.13
N VAL B 306 17.22 -5.91 -18.57
CA VAL B 306 17.62 -7.14 -19.24
C VAL B 306 16.38 -8.00 -19.44
N ALA B 307 16.12 -8.36 -20.68
CA ALA B 307 15.02 -9.27 -21.01
C ALA B 307 15.58 -10.65 -21.29
N LYS B 308 15.13 -11.63 -20.53
CA LYS B 308 15.56 -13.01 -20.68
C LYS B 308 14.40 -13.83 -21.20
N LEU B 309 14.67 -14.69 -22.16
CA LEU B 309 13.67 -15.59 -22.71
C LEU B 309 13.73 -16.90 -21.95
N GLN B 310 12.58 -17.47 -21.67
CA GLN B 310 12.58 -18.66 -20.81
C GLN B 310 11.80 -19.83 -21.37
N ASP B 311 10.77 -19.57 -22.17
CA ASP B 311 9.95 -20.66 -22.72
C ASP B 311 9.42 -20.21 -24.09
N SER B 312 10.05 -20.70 -25.14
CA SER B 312 9.60 -20.45 -26.50
C SER B 312 9.64 -21.74 -27.31
N PRO B 313 8.72 -21.91 -28.25
CA PRO B 313 8.76 -23.08 -29.11
C PRO B 313 9.61 -22.86 -30.36
N ASP B 314 9.89 -21.61 -30.71
CA ASP B 314 10.72 -21.32 -31.88
C ASP B 314 12.18 -21.14 -31.50
N MET B 315 12.49 -20.10 -30.72
CA MET B 315 13.86 -19.85 -30.30
C MET B 315 14.40 -20.84 -29.27
N PRO B 316 15.73 -20.92 -29.13
CA PRO B 316 16.33 -21.62 -27.99
C PRO B 316 16.35 -20.83 -26.68
N GLU B 317 17.11 -19.73 -26.68
CA GLU B 317 17.40 -18.98 -25.45
C GLU B 317 18.31 -17.81 -25.75
N LYS B 318 18.25 -16.74 -24.94
CA LYS B 318 19.22 -15.65 -24.97
C LYS B 318 18.89 -14.57 -23.96
N GLU B 319 19.76 -13.57 -23.85
CA GLU B 319 19.55 -12.40 -23.01
C GLU B 319 19.71 -11.15 -23.87
N CYS B 320 18.68 -10.33 -23.92
CA CYS B 320 18.72 -9.06 -24.63
C CYS B 320 18.77 -7.93 -23.61
N VAL B 321 19.27 -6.77 -24.03
CA VAL B 321 19.33 -5.58 -23.19
C VAL B 321 18.56 -4.46 -23.88
N TYR B 322 17.73 -3.77 -23.13
CA TYR B 322 16.88 -2.73 -23.71
C TYR B 322 16.69 -1.62 -22.71
N VAL B 323 16.56 -0.40 -23.21
CA VAL B 323 16.33 0.78 -22.38
C VAL B 323 14.98 1.36 -22.74
N ILE B 324 14.17 1.64 -21.73
CA ILE B 324 12.85 2.23 -21.92
C ILE B 324 13.00 3.74 -21.92
N GLY B 325 13.06 4.32 -23.11
CA GLY B 325 13.25 5.75 -23.24
C GLY B 325 11.94 6.48 -23.45
N GLU B 326 11.99 7.58 -24.20
CA GLU B 326 10.81 8.40 -24.41
C GLU B 326 9.99 7.99 -25.63
N LYS B 327 10.47 7.04 -26.41
CA LYS B 327 9.73 6.53 -27.57
C LYS B 327 9.29 5.09 -27.35
N GLY B 328 9.06 4.70 -26.12
CA GLY B 328 8.65 3.34 -25.80
C GLY B 328 9.86 2.49 -25.40
N ILE B 329 9.91 1.27 -25.90
CA ILE B 329 10.99 0.33 -25.62
C ILE B 329 11.98 0.38 -26.77
N THR B 330 13.21 0.78 -26.48
CA THR B 330 14.25 0.87 -27.51
C THR B 330 15.63 0.60 -26.93
N ASP B 331 16.66 0.94 -27.69
CA ASP B 331 18.03 0.88 -27.20
C ASP B 331 18.87 1.98 -27.84
N ILE C 16 -9.34 6.96 34.10
CA ILE C 16 -9.90 6.52 32.82
C ILE C 16 -10.71 5.25 33.03
N LEU C 17 -11.78 5.10 32.25
CA LEU C 17 -12.70 3.99 32.46
C LEU C 17 -11.96 2.66 32.32
N SER C 18 -12.35 1.70 33.16
CA SER C 18 -11.67 0.41 33.25
C SER C 18 -12.42 -0.61 32.40
N VAL C 19 -12.02 -1.89 32.53
CA VAL C 19 -12.63 -2.97 31.78
C VAL C 19 -13.82 -3.51 32.58
N ASP C 20 -14.19 -2.80 33.64
CA ASP C 20 -15.35 -3.18 34.43
C ASP C 20 -16.62 -2.48 34.00
N GLU C 21 -16.51 -1.34 33.31
CA GLU C 21 -17.70 -0.64 32.87
C GLU C 21 -18.54 -1.50 31.95
N LEU C 22 -17.88 -2.22 31.03
CA LEU C 22 -18.62 -3.09 30.13
C LEU C 22 -19.00 -4.42 30.78
N GLN C 23 -18.55 -4.67 32.01
CA GLN C 23 -18.93 -5.88 32.71
C GLN C 23 -20.44 -6.08 32.74
N ASN C 24 -21.21 -5.00 32.60
CA ASN C 24 -22.66 -5.05 32.61
C ASN C 24 -23.25 -5.03 31.19
N TYR C 25 -22.57 -5.69 30.25
CA TYR C 25 -23.03 -5.76 28.87
C TYR C 25 -23.14 -7.19 28.37
N GLY C 26 -23.09 -8.17 29.26
CA GLY C 26 -23.14 -9.57 28.86
C GLY C 26 -21.78 -10.24 28.97
N ILE C 27 -20.76 -9.42 29.17
CA ILE C 27 -19.37 -9.85 29.26
C ILE C 27 -19.12 -10.54 30.60
N ASN C 28 -20.19 -10.84 31.33
CA ASN C 28 -20.16 -11.15 32.76
C ASN C 28 -18.86 -11.84 33.19
N ALA C 29 -18.37 -11.46 34.36
CA ALA C 29 -16.95 -11.54 34.71
C ALA C 29 -16.50 -12.97 35.00
N SER C 30 -17.25 -13.97 34.58
CA SER C 30 -16.79 -15.35 34.66
C SER C 30 -15.39 -15.46 34.09
N ASP C 31 -15.18 -14.89 32.90
CA ASP C 31 -13.87 -14.91 32.25
C ASP C 31 -13.16 -13.58 32.41
N LEU C 32 -13.79 -12.63 33.12
CA LEU C 32 -13.16 -11.34 33.34
C LEU C 32 -11.77 -11.51 33.93
N GLN C 33 -11.61 -12.48 34.83
CA GLN C 33 -10.28 -12.79 35.35
C GLN C 33 -9.37 -13.24 34.23
N LYS C 34 -9.88 -14.05 33.31
CA LYS C 34 -9.11 -14.42 32.12
C LYS C 34 -8.64 -13.18 31.38
N LEU C 35 -9.56 -12.27 31.09
CA LEU C 35 -9.22 -11.06 30.36
C LEU C 35 -8.12 -10.28 31.08
N LYS C 36 -8.36 -9.96 32.35
CA LYS C 36 -7.37 -9.20 33.11
C LYS C 36 -6.01 -9.88 33.12
N SER C 37 -5.98 -11.20 33.40
CA SER C 37 -4.72 -11.93 33.38
C SER C 37 -3.97 -11.69 32.08
N GLY C 38 -4.70 -11.53 30.98
CA GLY C 38 -4.07 -11.22 29.71
C GLY C 38 -3.50 -9.83 29.60
N GLY C 39 -3.62 -9.02 30.65
CA GLY C 39 -3.11 -7.67 30.63
C GLY C 39 -4.19 -6.64 30.43
N ILE C 40 -5.25 -7.00 29.72
CA ILE C 40 -6.34 -6.09 29.43
C ILE C 40 -6.95 -5.59 30.73
N TYR C 41 -6.89 -4.28 30.97
CA TYR C 41 -7.44 -3.69 32.18
C TYR C 41 -8.38 -2.53 31.85
N THR C 42 -8.08 -1.75 30.82
CA THR C 42 -8.97 -0.68 30.41
C THR C 42 -9.86 -1.15 29.26
N VAL C 43 -10.77 -0.27 28.84
CA VAL C 43 -11.59 -0.56 27.67
C VAL C 43 -10.81 -0.28 26.39
N ASN C 44 -10.12 0.87 26.35
CA ASN C 44 -9.31 1.22 25.18
C ASN C 44 -8.45 0.05 24.74
N THR C 45 -7.70 -0.54 25.68
CA THR C 45 -6.86 -1.67 25.34
C THR C 45 -7.65 -2.83 24.74
N VAL C 46 -8.96 -2.89 24.98
CA VAL C 46 -9.77 -3.90 24.34
C VAL C 46 -10.00 -3.56 22.87
N LEU C 47 -10.17 -2.27 22.58
CA LEU C 47 -10.37 -1.87 21.19
C LEU C 47 -9.09 -1.99 20.37
N SER C 48 -7.95 -1.73 20.98
CA SER C 48 -6.67 -1.73 20.28
C SER C 48 -5.98 -3.08 20.34
N THR C 49 -6.72 -4.17 20.49
CA THR C 49 -6.17 -5.51 20.48
C THR C 49 -6.86 -6.32 19.38
N THR C 50 -6.06 -6.85 18.45
CA THR C 50 -6.61 -7.59 17.34
C THR C 50 -7.34 -8.84 17.83
N ARG C 51 -8.44 -9.18 17.18
CA ARG C 51 -9.16 -10.40 17.55
C ARG C 51 -8.22 -11.58 17.61
N ARG C 52 -7.44 -11.81 16.54
CA ARG C 52 -6.52 -12.93 16.49
C ARG C 52 -5.74 -13.07 17.79
N HIS C 53 -5.22 -11.94 18.30
CA HIS C 53 -4.46 -11.98 19.54
C HIS C 53 -5.34 -12.17 20.76
N LEU C 54 -6.62 -11.83 20.67
CA LEU C 54 -7.50 -11.97 21.82
C LEU C 54 -8.00 -13.39 22.00
N CYS C 55 -8.05 -14.18 20.92
CA CYS C 55 -8.45 -15.58 21.00
C CYS C 55 -7.26 -16.49 21.27
N LYS C 56 -6.19 -15.95 21.87
CA LYS C 56 -5.03 -16.73 22.27
C LYS C 56 -4.83 -16.71 23.77
N ILE C 57 -5.87 -16.41 24.54
CA ILE C 57 -5.77 -16.38 26.00
C ILE C 57 -6.53 -17.52 26.65
N LYS C 58 -6.75 -18.62 25.93
CA LYS C 58 -7.11 -19.91 26.50
C LYS C 58 -8.40 -19.82 27.34
N GLY C 59 -9.50 -19.58 26.64
CA GLY C 59 -10.78 -19.51 27.30
C GLY C 59 -11.76 -18.52 26.70
N LEU C 60 -11.35 -17.81 25.66
CA LEU C 60 -12.25 -16.98 24.85
C LEU C 60 -11.96 -17.30 23.39
N SER C 61 -12.76 -18.19 22.81
CA SER C 61 -12.41 -18.75 21.51
C SER C 61 -12.84 -17.89 20.32
N GLU C 62 -14.13 -17.79 20.05
CA GLU C 62 -14.56 -16.90 18.97
C GLU C 62 -15.69 -15.95 19.38
N VAL C 63 -16.77 -16.49 19.93
CA VAL C 63 -17.99 -15.70 20.10
C VAL C 63 -17.86 -14.76 21.29
N LYS C 64 -17.26 -15.22 22.38
CA LYS C 64 -17.01 -14.34 23.50
C LYS C 64 -16.24 -13.10 23.06
N VAL C 65 -15.27 -13.26 22.16
CA VAL C 65 -14.50 -12.13 21.68
C VAL C 65 -15.38 -11.21 20.84
N GLU C 66 -16.26 -11.77 20.00
CA GLU C 66 -17.17 -10.95 19.23
C GLU C 66 -18.05 -10.11 20.12
N LYS C 67 -18.64 -10.71 21.15
CA LYS C 67 -19.51 -9.96 22.05
C LYS C 67 -18.71 -8.94 22.86
N ILE C 68 -17.50 -9.29 23.27
CA ILE C 68 -16.66 -8.35 24.01
C ILE C 68 -16.36 -7.13 23.15
N LYS C 69 -16.05 -7.35 21.88
CA LYS C 69 -15.74 -6.22 21.00
C LYS C 69 -17.00 -5.40 20.72
N GLU C 70 -18.13 -6.06 20.50
CA GLU C 70 -19.38 -5.32 20.33
C GLU C 70 -19.63 -4.42 21.53
N ALA C 71 -19.50 -4.97 22.74
CA ALA C 71 -19.65 -4.15 23.93
C ALA C 71 -18.68 -2.99 23.92
N ALA C 72 -17.38 -3.28 23.93
CA ALA C 72 -16.37 -2.23 23.98
C ALA C 72 -16.60 -1.14 22.95
N GLY C 73 -17.08 -1.49 21.76
CA GLY C 73 -17.45 -0.48 20.80
C GLY C 73 -18.72 0.25 21.12
N LYS C 74 -19.62 -0.38 21.87
CA LYS C 74 -20.83 0.30 22.31
C LYS C 74 -20.54 1.39 23.33
N ILE C 75 -19.47 1.23 24.11
CA ILE C 75 -19.09 2.27 25.08
C ILE C 75 -18.63 3.53 24.35
N ILE C 76 -17.62 3.40 23.50
CA ILE C 76 -17.05 4.53 22.80
C ILE C 76 -16.94 4.20 21.32
N GLN C 77 -16.85 5.25 20.51
CA GLN C 77 -16.77 5.13 19.07
C GLN C 77 -15.42 5.64 18.58
N VAL C 78 -14.90 4.99 17.54
CA VAL C 78 -13.68 5.42 16.86
C VAL C 78 -14.03 5.50 15.37
N GLY C 79 -14.45 6.68 14.93
CA GLY C 79 -14.77 6.88 13.53
C GLY C 79 -13.85 7.88 12.89
N PHE C 80 -14.39 9.04 12.50
CA PHE C 80 -13.60 10.12 11.94
C PHE C 80 -13.96 11.42 12.66
N ILE C 81 -13.33 11.66 13.79
CA ILE C 81 -13.43 12.99 14.41
C ILE C 81 -12.81 14.01 13.47
N PRO C 82 -13.54 15.05 13.05
CA PRO C 82 -13.20 15.69 11.78
C PRO C 82 -11.77 16.22 11.71
N ALA C 83 -11.46 17.31 12.40
CA ALA C 83 -10.06 17.63 12.69
C ALA C 83 -9.94 18.41 13.98
N THR C 84 -11.00 19.16 14.33
CA THR C 84 -10.89 20.16 15.39
C THR C 84 -11.19 19.56 16.75
N VAL C 85 -12.17 18.66 16.83
CA VAL C 85 -12.33 17.87 18.05
C VAL C 85 -11.03 17.18 18.38
N GLN C 86 -10.22 16.88 17.35
CA GLN C 86 -8.88 16.37 17.58
C GLN C 86 -7.98 17.43 18.20
N LEU C 87 -7.87 18.59 17.54
CA LEU C 87 -7.05 19.67 18.07
C LEU C 87 -7.40 19.96 19.53
N ASP C 88 -8.64 19.73 19.91
CA ASP C 88 -9.07 19.92 21.31
C ASP C 88 -8.64 18.75 22.17
N ILE C 89 -9.06 17.54 21.81
CA ILE C 89 -8.62 16.34 22.52
C ILE C 89 -7.11 16.28 22.59
N ARG C 90 -6.42 16.96 21.68
CA ARG C 90 -4.96 17.05 21.69
C ARG C 90 -4.46 18.17 22.59
N GLN C 91 -5.34 18.75 23.41
CA GLN C 91 -4.94 19.90 24.22
C GLN C 91 -4.35 19.48 25.55
N ARG C 92 -4.60 18.24 25.98
CA ARG C 92 -4.11 17.74 27.25
C ARG C 92 -2.79 17.00 27.09
N VAL C 93 -1.74 17.72 26.66
CA VAL C 93 -0.51 17.05 26.27
C VAL C 93 0.50 17.04 27.40
N TYR C 94 0.44 18.00 28.32
CA TYR C 94 1.36 18.01 29.45
C TYR C 94 2.82 17.93 29.02
N SER C 95 3.31 18.92 28.30
CA SER C 95 4.71 18.97 27.91
C SER C 95 5.57 19.07 29.16
N LEU C 96 6.38 18.04 29.41
CA LEU C 96 7.20 17.95 30.61
C LEU C 96 8.49 18.72 30.38
N SER C 97 8.92 19.49 31.37
CA SER C 97 10.14 20.26 31.25
C SER C 97 11.35 19.36 31.46
N THR C 98 12.45 19.67 30.76
CA THR C 98 13.65 18.85 30.88
C THR C 98 14.62 19.42 31.90
N GLY C 99 14.56 20.72 32.18
CA GLY C 99 15.41 21.29 33.20
C GLY C 99 16.35 22.37 32.70
N SER C 100 16.48 22.48 31.37
CA SER C 100 17.33 23.52 30.78
C SER C 100 16.48 24.35 29.84
N LYS C 101 16.19 25.59 30.27
CA LYS C 101 15.25 26.43 29.53
C LYS C 101 15.48 26.38 28.03
N GLN C 102 16.75 26.45 27.60
CA GLN C 102 17.03 26.44 26.17
C GLN C 102 16.50 25.18 25.52
N LEU C 103 16.72 24.02 26.16
CA LEU C 103 16.25 22.77 25.57
C LEU C 103 14.73 22.72 25.54
N ASP C 104 14.07 23.09 26.63
CA ASP C 104 12.62 23.11 26.64
C ASP C 104 12.07 24.04 25.55
N SER C 105 12.83 25.09 25.24
CA SER C 105 12.40 26.01 24.19
C SER C 105 12.60 25.41 22.82
N ILE C 106 13.69 24.65 22.62
CA ILE C 106 13.93 23.99 21.34
C ILE C 106 13.01 22.82 21.11
N LEU C 107 12.47 22.20 22.16
CA LEU C 107 11.53 21.10 21.99
C LEU C 107 10.07 21.53 21.99
N GLY C 108 9.80 22.81 22.22
CA GLY C 108 8.44 23.29 22.32
C GLY C 108 7.88 23.35 23.71
N GLY C 109 8.71 23.19 24.75
CA GLY C 109 8.23 23.19 26.11
C GLY C 109 8.79 22.03 26.90
N GLY C 110 9.27 21.01 26.20
CA GLY C 110 9.85 19.85 26.85
C GLY C 110 9.45 18.55 26.19
N ILE C 111 9.41 17.47 26.96
CA ILE C 111 9.05 16.16 26.45
C ILE C 111 7.53 16.10 26.32
N MET C 112 7.04 16.03 25.09
CA MET C 112 5.60 15.92 24.89
C MET C 112 5.09 14.58 25.41
N THR C 113 3.85 14.57 25.88
CA THR C 113 3.24 13.34 26.35
C THR C 113 2.57 12.63 25.19
N MET C 114 2.10 11.41 25.45
CA MET C 114 1.54 10.53 24.44
C MET C 114 2.42 10.53 23.19
N SER C 115 3.67 10.16 23.41
CA SER C 115 4.67 10.11 22.34
C SER C 115 5.96 9.55 22.92
N ILE C 116 6.81 9.04 22.03
CA ILE C 116 8.09 8.44 22.39
C ILE C 116 9.19 9.42 22.04
N THR C 117 10.03 9.75 23.01
CA THR C 117 11.16 10.64 22.81
C THR C 117 12.43 9.87 23.10
N GLU C 118 13.35 9.87 22.15
CA GLU C 118 14.58 9.11 22.26
C GLU C 118 15.77 10.06 22.38
N VAL C 119 16.75 9.63 23.17
CA VAL C 119 17.97 10.41 23.38
C VAL C 119 19.16 9.48 23.25
N PHE C 120 20.04 9.75 22.30
CA PHE C 120 21.15 8.85 22.01
C PHE C 120 22.43 9.66 21.90
N GLY C 121 23.48 9.22 22.59
CA GLY C 121 24.78 9.82 22.49
C GLY C 121 25.81 8.96 23.19
N GLU C 122 27.09 9.26 23.02
CA GLU C 122 28.14 8.45 23.59
C GLU C 122 28.18 8.66 25.10
N PHE C 123 29.09 7.96 25.77
CA PHE C 123 29.12 7.95 27.22
C PHE C 123 29.30 9.36 27.78
N ARG C 124 29.09 9.48 29.08
CA ARG C 124 29.31 10.72 29.83
C ARG C 124 28.55 11.90 29.25
N CYS C 125 27.57 11.64 28.41
CA CYS C 125 26.69 12.71 27.95
C CYS C 125 25.51 12.93 28.88
N GLY C 126 25.42 12.18 29.97
CA GLY C 126 24.35 12.36 30.93
C GLY C 126 22.98 12.03 30.40
N LYS C 127 22.89 11.33 29.27
CA LYS C 127 21.60 10.87 28.80
C LYS C 127 20.91 9.99 29.82
N THR C 128 21.66 9.46 30.79
CA THR C 128 21.10 8.74 31.92
C THR C 128 20.91 9.64 33.13
N GLN C 129 21.35 10.89 33.05
CA GLN C 129 21.07 11.90 34.05
C GLN C 129 19.84 12.72 33.73
N MET C 130 19.57 12.95 32.45
CA MET C 130 18.31 13.53 32.05
C MET C 130 17.15 12.68 32.55
N SER C 131 17.35 11.37 32.64
CA SER C 131 16.31 10.51 33.20
C SER C 131 15.98 10.89 34.64
N HIS C 132 16.99 11.06 35.47
CA HIS C 132 16.74 11.48 36.85
C HIS C 132 16.14 12.88 36.89
N THR C 133 16.64 13.79 36.06
CA THR C 133 16.11 15.13 36.04
C THR C 133 14.62 15.12 35.72
N LEU C 134 14.20 14.27 34.78
CA LEU C 134 12.78 14.14 34.48
C LEU C 134 12.04 13.50 35.64
N CYS C 135 12.60 12.43 36.20
CA CYS C 135 11.99 11.75 37.32
C CYS C 135 11.63 12.73 38.43
N VAL C 136 12.49 13.73 38.62
CA VAL C 136 12.26 14.73 39.65
C VAL C 136 11.40 15.90 39.18
N THR C 137 11.48 16.27 37.90
CA THR C 137 10.80 17.45 37.38
C THR C 137 9.44 17.12 36.76
N THR C 138 8.97 15.89 36.96
CA THR C 138 7.62 15.53 36.56
C THR C 138 6.60 15.75 37.65
N GLN C 139 7.04 15.88 38.90
CA GLN C 139 6.15 16.05 40.04
C GLN C 139 6.00 17.52 40.44
N LEU C 140 6.13 18.43 39.49
CA LEU C 140 5.98 19.84 39.72
C LEU C 140 4.64 20.31 39.16
N PRO C 141 4.03 21.33 39.75
CA PRO C 141 2.75 21.84 39.23
C PRO C 141 2.88 22.18 37.75
N ARG C 142 1.81 21.92 37.01
CA ARG C 142 1.82 22.07 35.56
C ARG C 142 2.47 23.38 35.12
N GLU C 143 2.27 24.45 35.89
CA GLU C 143 2.81 25.75 35.53
C GLU C 143 4.31 25.82 35.78
N MET C 144 4.92 24.68 36.09
CA MET C 144 6.36 24.63 36.29
C MET C 144 7.01 23.75 35.24
N GLY C 145 6.23 22.90 34.58
CA GLY C 145 6.74 22.10 33.49
C GLY C 145 6.26 20.66 33.44
N GLY C 146 5.96 20.06 34.58
CA GLY C 146 5.50 18.69 34.60
C GLY C 146 4.07 18.56 35.08
N GLY C 147 3.88 17.89 36.21
CA GLY C 147 2.63 17.97 36.93
C GLY C 147 2.07 16.69 37.50
N GLU C 148 1.84 16.69 38.81
CA GLU C 148 0.99 15.74 39.51
C GLU C 148 1.05 14.35 38.91
N GLY C 149 2.24 13.82 38.66
CA GLY C 149 2.40 12.53 38.03
C GLY C 149 3.43 11.67 38.71
N LYS C 150 3.10 10.40 38.88
CA LYS C 150 4.08 9.41 39.27
C LYS C 150 4.96 9.07 38.07
N VAL C 151 5.97 8.25 38.30
CA VAL C 151 6.92 7.89 37.26
C VAL C 151 7.17 6.40 37.31
N ALA C 152 7.31 5.78 36.15
CA ALA C 152 7.70 4.39 36.03
C ALA C 152 9.09 4.34 35.43
N TYR C 153 9.98 3.55 36.03
CA TYR C 153 11.38 3.52 35.65
C TYR C 153 11.79 2.08 35.43
N ILE C 154 12.30 1.78 34.23
CA ILE C 154 12.77 0.45 33.89
C ILE C 154 14.25 0.56 33.57
N ASP C 155 15.07 0.03 34.46
CA ASP C 155 16.52 0.12 34.34
C ASP C 155 17.04 -1.15 33.70
N THR C 156 17.81 -1.00 32.62
CA THR C 156 18.39 -2.13 31.92
C THR C 156 19.90 -2.19 32.07
N GLU C 157 20.51 -1.22 32.76
CA GLU C 157 21.95 -1.32 33.00
C GLU C 157 22.33 -0.88 34.41
N GLY C 158 21.42 -0.92 35.38
CA GLY C 158 21.74 -0.37 36.68
C GLY C 158 21.90 1.14 36.56
N THR C 159 22.57 1.73 37.54
CA THR C 159 22.85 3.17 37.53
C THR C 159 21.59 3.99 37.82
N PHE C 160 20.66 3.43 38.58
CA PHE C 160 19.52 4.19 39.08
C PHE C 160 19.79 4.59 40.54
N ARG C 161 20.62 5.61 40.71
CA ARG C 161 20.97 6.02 42.06
C ARG C 161 19.90 6.94 42.64
N PRO C 162 19.08 6.45 43.57
CA PRO C 162 18.04 7.30 44.14
C PRO C 162 18.61 8.48 44.92
N GLU C 163 19.86 8.34 45.36
CA GLU C 163 20.53 9.46 46.01
C GLU C 163 20.50 10.69 45.12
N ARG C 164 20.70 10.46 43.82
CA ARG C 164 20.68 11.54 42.80
C ARG C 164 19.27 12.16 42.80
N ILE C 165 18.23 11.31 42.79
CA ILE C 165 16.86 11.80 42.82
C ILE C 165 16.65 12.72 44.01
N LYS C 166 17.14 12.32 45.18
CA LYS C 166 16.96 13.13 46.38
C LYS C 166 17.73 14.44 46.27
N GLN C 167 18.96 14.37 45.74
CA GLN C 167 19.75 15.58 45.56
C GLN C 167 19.03 16.57 44.67
N ILE C 168 18.55 16.10 43.51
CA ILE C 168 17.85 16.99 42.59
C ILE C 168 16.58 17.53 43.21
N ALA C 169 15.83 16.68 43.91
CA ALA C 169 14.63 17.17 44.59
C ALA C 169 14.97 18.32 45.53
N GLU C 170 15.90 18.09 46.46
CA GLU C 170 16.33 19.17 47.34
C GLU C 170 16.72 20.41 46.56
N GLY C 171 17.44 20.26 45.46
CA GLY C 171 17.78 21.40 44.65
C GLY C 171 16.61 22.09 44.00
N TYR C 172 15.48 21.40 43.86
CA TYR C 172 14.27 21.96 43.29
C TYR C 172 13.27 22.40 44.35
N GLU C 173 13.70 22.48 45.60
CA GLU C 173 12.81 22.88 46.68
C GLU C 173 11.61 21.95 46.74
N LEU C 174 11.86 20.68 47.04
CA LEU C 174 10.79 19.68 47.08
C LEU C 174 11.18 18.59 48.05
N ASP C 175 10.21 18.08 48.80
CA ASP C 175 10.47 17.05 49.80
C ASP C 175 11.01 15.79 49.13
N PRO C 176 12.28 15.45 49.35
CA PRO C 176 12.82 14.24 48.72
C PRO C 176 12.01 13.00 49.02
N GLU C 177 11.77 12.69 50.29
CA GLU C 177 10.99 11.53 50.67
C GLU C 177 9.72 11.42 49.83
N SER C 178 9.08 12.56 49.60
CA SER C 178 7.86 12.57 48.80
C SER C 178 8.13 12.05 47.39
N CYS C 179 9.10 12.64 46.69
CA CYS C 179 9.35 12.25 45.30
C CYS C 179 9.77 10.80 45.22
N LEU C 180 10.68 10.38 46.09
CA LEU C 180 11.15 8.99 46.07
C LEU C 180 10.02 8.01 46.38
N ALA C 181 8.83 8.53 46.68
CA ALA C 181 7.66 7.68 46.85
C ALA C 181 6.81 7.59 45.60
N ASN C 182 6.76 8.65 44.79
CA ASN C 182 5.97 8.67 43.58
C ASN C 182 6.67 7.99 42.41
N VAL C 183 7.85 7.43 42.63
CA VAL C 183 8.60 6.71 41.61
C VAL C 183 8.38 5.23 41.81
N SER C 184 8.35 4.49 40.71
CA SER C 184 8.29 3.03 40.72
C SER C 184 9.48 2.51 39.93
N TYR C 185 10.20 1.55 40.49
CA TYR C 185 11.46 1.10 39.92
C TYR C 185 11.37 -0.38 39.57
N ALA C 186 11.97 -0.75 38.44
CA ALA C 186 12.03 -2.15 38.04
C ALA C 186 13.32 -2.38 37.26
N ARG C 187 14.10 -3.37 37.71
CA ARG C 187 15.38 -3.68 37.11
C ARG C 187 15.21 -4.85 36.15
N ALA C 188 14.91 -4.54 34.89
CA ALA C 188 14.80 -5.58 33.90
C ALA C 188 16.11 -6.33 33.77
N LEU C 189 16.03 -7.66 33.71
CA LEU C 189 17.20 -8.50 33.73
C LEU C 189 17.62 -8.99 32.35
N ASN C 190 16.66 -9.40 31.51
CA ASN C 190 16.95 -9.81 30.15
C ASN C 190 15.80 -9.40 29.25
N SER C 191 16.08 -9.39 27.95
CA SER C 191 15.13 -8.88 26.97
C SER C 191 13.73 -9.42 27.21
N GLU C 192 13.60 -10.74 27.34
CA GLU C 192 12.28 -11.35 27.44
C GLU C 192 11.63 -11.02 28.78
N HIS C 193 12.41 -10.50 29.72
CA HIS C 193 11.85 -9.95 30.95
C HIS C 193 11.51 -8.48 30.81
N GLN C 194 12.36 -7.72 30.11
CA GLN C 194 12.03 -6.34 29.80
C GLN C 194 10.69 -6.25 29.08
N MET C 195 10.42 -7.20 28.19
CA MET C 195 9.15 -7.20 27.48
C MET C 195 8.01 -7.65 28.36
N GLU C 196 8.28 -8.56 29.30
CA GLU C 196 7.27 -8.92 30.28
C GLU C 196 6.85 -7.72 31.11
N LEU C 197 7.80 -6.87 31.46
CA LEU C 197 7.51 -5.79 32.40
C LEU C 197 6.45 -4.83 31.86
N VAL C 198 6.50 -4.52 30.57
CA VAL C 198 5.58 -3.53 30.01
C VAL C 198 4.14 -4.03 30.11
N GLU C 199 3.93 -5.32 29.90
CA GLU C 199 2.60 -5.88 30.02
C GLU C 199 2.00 -5.55 31.39
N GLN C 200 2.67 -5.99 32.46
CA GLN C 200 2.24 -5.64 33.80
C GLN C 200 2.05 -4.14 33.93
N LEU C 201 3.04 -3.37 33.45
CA LEU C 201 2.96 -1.91 33.55
C LEU C 201 1.63 -1.42 33.00
N GLY C 202 1.08 -2.11 32.01
CA GLY C 202 -0.25 -1.79 31.53
C GLY C 202 -1.30 -1.76 32.63
N GLU C 203 -1.01 -2.34 33.79
CA GLU C 203 -1.95 -2.36 34.89
C GLU C 203 -1.92 -1.08 35.71
N GLU C 204 -0.78 -0.79 36.33
CA GLU C 204 -0.69 0.37 37.22
C GLU C 204 -1.13 1.64 36.51
N LEU C 205 -0.85 1.75 35.22
CA LEU C 205 -1.30 2.91 34.46
C LEU C 205 -2.80 2.93 34.26
N SER C 206 -3.50 1.86 34.65
CA SER C 206 -4.96 1.82 34.51
C SER C 206 -5.64 2.75 35.50
N SER C 207 -5.19 2.76 36.73
CA SER C 207 -5.73 3.64 37.77
C SER C 207 -4.55 4.31 38.47
N GLY C 208 -4.39 5.60 38.23
CA GLY C 208 -3.33 6.35 38.88
C GLY C 208 -2.95 7.55 38.05
N ASP C 209 -1.88 8.20 38.48
CA ASP C 209 -1.34 9.38 37.81
C ASP C 209 0.12 9.10 37.48
N TYR C 210 0.33 8.48 36.34
CA TYR C 210 1.67 8.28 35.79
C TYR C 210 1.83 9.21 34.60
N ARG C 211 2.87 10.05 34.64
CA ARG C 211 3.07 10.99 33.54
C ARG C 211 4.01 10.44 32.50
N LEU C 212 5.19 9.96 32.91
CA LEU C 212 6.17 9.45 31.97
C LEU C 212 6.65 8.06 32.38
N ILE C 213 6.96 7.25 31.38
CA ILE C 213 7.70 6.01 31.56
C ILE C 213 9.11 6.25 31.04
N VAL C 214 10.09 5.61 31.68
CA VAL C 214 11.50 5.81 31.33
C VAL C 214 12.12 4.45 31.10
N VAL C 215 12.94 4.34 30.05
CA VAL C 215 13.66 3.11 29.74
C VAL C 215 15.10 3.50 29.44
N ASP C 216 15.98 3.33 30.42
CA ASP C 216 17.40 3.58 30.11
C ASP C 216 17.84 2.45 29.16
N SER C 217 18.56 2.74 28.10
CA SER C 217 19.14 1.79 27.17
C SER C 217 18.08 0.82 26.67
N ILE C 218 17.10 1.34 25.94
CA ILE C 218 16.01 0.53 25.40
C ILE C 218 16.54 -0.73 24.73
N MET C 219 17.80 -0.71 24.32
CA MET C 219 18.33 -1.83 23.56
C MET C 219 19.59 -2.41 24.20
N ALA C 220 19.86 -2.03 25.46
CA ALA C 220 21.02 -2.59 26.14
C ALA C 220 20.94 -4.12 26.20
N ASN C 221 19.72 -4.66 26.31
CA ASN C 221 19.56 -6.10 26.43
C ASN C 221 19.50 -6.76 25.06
N PHE C 222 18.61 -6.28 24.18
CA PHE C 222 18.49 -6.88 22.86
C PHE C 222 19.85 -7.00 22.18
N ARG C 223 20.74 -6.03 22.40
CA ARG C 223 22.07 -6.10 21.84
C ARG C 223 22.80 -7.37 22.26
N VAL C 224 22.37 -8.02 23.33
CA VAL C 224 23.08 -9.16 23.88
C VAL C 224 22.35 -10.47 23.65
N ASP C 225 21.02 -10.50 23.82
CA ASP C 225 20.30 -11.75 23.69
C ASP C 225 20.31 -12.25 22.25
N TYR C 226 20.61 -11.38 21.29
CA TYR C 226 20.66 -11.75 19.88
C TYR C 226 21.94 -11.21 19.28
N CYS C 227 22.90 -12.10 19.03
CA CYS C 227 24.22 -11.71 18.54
C CYS C 227 24.41 -12.23 17.13
N GLY C 228 24.95 -11.38 16.25
CA GLY C 228 25.23 -11.76 14.89
C GLY C 228 24.02 -11.58 14.00
N ARG C 229 24.30 -11.38 12.71
CA ARG C 229 23.24 -11.22 11.73
C ARG C 229 22.56 -12.53 11.39
N GLY C 230 22.87 -13.59 12.13
CA GLY C 230 22.18 -14.85 11.98
C GLY C 230 20.82 -14.79 12.64
N GLU C 231 20.74 -14.02 13.72
CA GLU C 231 19.49 -13.80 14.44
C GLU C 231 19.12 -12.33 14.53
N LEU C 232 19.46 -11.55 13.51
CA LEU C 232 19.11 -10.13 13.53
C LEU C 232 17.62 -9.93 13.36
N SER C 233 17.04 -10.49 12.30
CA SER C 233 15.63 -10.29 12.03
C SER C 233 14.77 -10.64 13.24
N GLU C 234 15.07 -11.77 13.89
CA GLU C 234 14.31 -12.16 15.07
C GLU C 234 14.48 -11.17 16.22
N ARG C 235 15.54 -10.38 16.20
CA ARG C 235 15.72 -9.33 17.20
C ARG C 235 14.94 -8.07 16.83
N GLN C 236 15.03 -7.65 15.58
CA GLN C 236 14.31 -6.46 15.14
C GLN C 236 12.82 -6.65 15.28
N GLN C 237 12.32 -7.86 15.05
CA GLN C 237 10.88 -8.09 15.16
C GLN C 237 10.41 -7.97 16.61
N LYS C 238 11.11 -8.63 17.52
CA LYS C 238 10.78 -8.48 18.93
C LYS C 238 10.88 -7.02 19.37
N LEU C 239 11.91 -6.31 18.91
CA LEU C 239 12.05 -4.91 19.27
C LEU C 239 10.89 -4.09 18.74
N ASN C 240 10.44 -4.38 17.52
CA ASN C 240 9.32 -3.64 16.96
C ASN C 240 8.06 -3.88 17.76
N GLN C 241 7.80 -5.14 18.14
CA GLN C 241 6.65 -5.42 18.99
C GLN C 241 6.74 -4.66 20.30
N HIS C 242 7.92 -4.66 20.91
CA HIS C 242 8.10 -3.98 22.18
C HIS C 242 7.84 -2.48 22.04
N LEU C 243 8.41 -1.86 21.01
CA LEU C 243 8.23 -0.43 20.82
C LEU C 243 6.78 -0.09 20.50
N PHE C 244 6.09 -0.95 19.76
CA PHE C 244 4.69 -0.71 19.47
C PHE C 244 3.86 -0.75 20.74
N LYS C 245 4.12 -1.73 21.61
CA LYS C 245 3.40 -1.79 22.87
C LYS C 245 3.57 -0.49 23.65
N LEU C 246 4.80 0.00 23.73
CA LEU C 246 5.04 1.27 24.40
C LEU C 246 4.24 2.39 23.75
N ASN C 247 4.53 2.67 22.48
CA ASN C 247 3.82 3.74 21.78
C ASN C 247 2.32 3.65 21.99
N ARG C 248 1.79 2.45 22.18
CA ARG C 248 0.35 2.31 22.42
C ARG C 248 -0.02 2.72 23.83
N LEU C 249 0.75 2.23 24.81
CA LEU C 249 0.53 2.66 26.20
C LEU C 249 0.59 4.18 26.31
N ALA C 250 1.70 4.77 25.88
CA ALA C 250 1.88 6.21 25.92
C ALA C 250 0.75 6.97 25.25
N GLU C 251 -0.06 6.29 24.43
CA GLU C 251 -1.14 6.94 23.70
C GLU C 251 -2.49 6.78 24.38
N GLU C 252 -2.80 5.60 24.89
CA GLU C 252 -4.10 5.38 25.53
C GLU C 252 -4.10 5.74 27.01
N PHE C 253 -3.05 6.38 27.51
CA PHE C 253 -3.00 6.81 28.90
C PHE C 253 -2.48 8.22 29.06
N ASN C 254 -2.33 8.96 27.96
CA ASN C 254 -1.74 10.29 27.98
C ASN C 254 -0.49 10.29 28.86
N VAL C 255 0.44 9.43 28.48
CA VAL C 255 1.71 9.26 29.19
C VAL C 255 2.84 9.39 28.19
N ALA C 256 3.89 10.10 28.58
CA ALA C 256 5.06 10.25 27.73
C ALA C 256 5.98 9.05 27.92
N VAL C 257 6.81 8.78 26.92
CA VAL C 257 7.80 7.72 26.99
C VAL C 257 9.16 8.31 26.67
N PHE C 258 10.16 7.96 27.48
CA PHE C 258 11.49 8.52 27.33
C PHE C 258 12.49 7.37 27.29
N LEU C 259 13.14 7.19 26.13
CA LEU C 259 14.07 6.10 25.91
C LEU C 259 15.47 6.66 25.76
N THR C 260 16.43 6.04 26.45
CA THR C 260 17.83 6.34 26.22
C THR C 260 18.43 5.25 25.34
N ASN C 261 19.29 5.67 24.43
CA ASN C 261 19.86 4.77 23.44
C ASN C 261 21.38 4.86 23.51
N GLN C 262 22.04 4.12 22.64
CA GLN C 262 23.49 4.07 22.62
C GLN C 262 24.00 4.36 21.21
N VAL C 263 25.32 4.44 21.08
CA VAL C 263 25.96 4.85 19.86
C VAL C 263 26.97 3.80 19.44
N GLN C 264 27.13 3.64 18.14
CA GLN C 264 28.10 2.73 17.55
C GLN C 264 28.93 3.49 16.54
N SER C 265 30.10 2.97 16.25
CA SER C 265 31.05 3.60 15.35
C SER C 265 31.08 2.89 14.01
N ASP C 266 31.18 3.66 12.93
CA ASP C 266 31.10 3.11 11.59
C ASP C 266 32.50 2.94 11.02
N PRO C 267 33.02 1.73 10.91
CA PRO C 267 34.39 1.56 10.41
C PRO C 267 34.46 1.64 8.90
N GLY C 268 33.43 2.21 8.28
CA GLY C 268 33.36 2.26 6.83
C GLY C 268 34.09 3.43 6.22
N ALA C 269 33.38 4.26 5.47
CA ALA C 269 34.04 5.28 4.65
C ALA C 269 34.37 6.53 5.46
N SER C 270 35.04 7.49 4.83
CA SER C 270 35.42 8.74 5.48
C SER C 270 34.68 9.91 4.84
N ALA C 271 33.44 9.67 4.41
CA ALA C 271 32.64 10.69 3.76
C ALA C 271 31.45 11.06 4.64
N LEU C 272 30.81 12.17 4.30
CA LEU C 272 29.65 12.67 5.04
C LEU C 272 29.86 12.60 6.56
N PHE C 273 30.86 13.32 7.06
CA PHE C 273 31.74 14.07 6.17
C PHE C 273 33.16 13.52 6.20
N ALA C 274 33.81 13.58 7.36
CA ALA C 274 35.09 12.92 7.54
C ALA C 274 35.24 12.34 8.94
N SER C 275 34.41 12.78 9.87
CA SER C 275 34.65 12.56 11.30
C SER C 275 33.33 12.54 12.08
N ALA C 276 33.43 12.85 13.37
CA ALA C 276 32.28 12.84 14.23
C ALA C 276 31.63 11.46 14.30
N ASP C 277 32.37 10.48 14.83
CA ASP C 277 31.87 9.11 14.90
C ASP C 277 30.79 8.94 15.97
N GLY C 278 30.75 9.80 16.96
CA GLY C 278 29.79 9.63 18.05
C GLY C 278 28.38 9.92 17.60
N ARG C 279 27.93 9.19 16.59
CA ARG C 279 26.59 9.36 16.04
C ARG C 279 26.08 8.01 15.55
N LYS C 280 25.08 8.02 14.69
CA LYS C 280 24.54 6.76 14.18
C LYS C 280 24.15 5.84 15.33
N PRO C 281 23.06 6.12 16.01
CA PRO C 281 22.63 5.25 17.11
C PRO C 281 22.43 3.81 16.67
N ILE C 282 22.26 2.91 17.61
CA ILE C 282 22.02 1.52 17.32
C ILE C 282 20.52 1.27 17.36
N GLY C 283 20.09 0.16 16.77
CA GLY C 283 18.69 -0.15 16.72
C GLY C 283 18.18 -0.26 15.30
N GLY C 284 18.94 0.32 14.36
CA GLY C 284 18.60 0.29 12.95
C GLY C 284 17.42 1.22 12.67
N HIS C 285 16.64 0.86 11.67
CA HIS C 285 15.49 1.64 11.27
C HIS C 285 14.23 1.30 12.05
N VAL C 286 14.11 0.08 12.54
CA VAL C 286 12.92 -0.29 13.30
C VAL C 286 12.73 0.65 14.49
N LEU C 287 13.82 1.16 15.02
CA LEU C 287 13.74 2.09 16.15
C LEU C 287 13.75 3.54 15.71
N ALA C 288 14.35 3.86 14.57
CA ALA C 288 14.35 5.24 14.10
C ALA C 288 12.93 5.68 13.74
N HIS C 289 12.16 4.81 13.11
CA HIS C 289 10.79 5.16 12.76
C HIS C 289 9.92 5.30 14.00
N ALA C 290 9.87 4.23 14.81
CA ALA C 290 8.99 4.23 15.97
C ALA C 290 9.18 5.46 16.84
N SER C 291 10.39 5.99 16.96
CA SER C 291 10.64 7.15 17.77
C SER C 291 10.05 8.39 17.11
N ALA C 292 9.34 9.18 17.93
CA ALA C 292 8.71 10.40 17.41
C ALA C 292 9.70 11.57 17.44
N THR C 293 10.48 11.67 18.50
CA THR C 293 11.48 12.71 18.63
C THR C 293 12.85 12.08 18.89
N ARG C 294 13.85 12.53 18.15
CA ARG C 294 15.22 12.06 18.31
C ARG C 294 16.09 13.22 18.76
N ILE C 295 17.07 12.95 19.61
CA ILE C 295 17.98 13.97 20.12
C ILE C 295 19.35 13.36 20.27
N LEU C 296 20.36 14.07 19.79
CA LEU C 296 21.74 13.64 19.84
C LEU C 296 22.48 14.49 20.86
N LEU C 297 23.09 13.85 21.85
CA LEU C 297 23.84 14.55 22.88
C LEU C 297 25.33 14.37 22.62
N ARG C 298 26.03 15.49 22.46
CA ARG C 298 27.44 15.47 22.10
C ARG C 298 28.22 16.25 23.14
N LYS C 299 29.49 15.89 23.30
CA LYS C 299 30.38 16.57 24.22
C LYS C 299 30.89 17.86 23.59
N GLY C 300 30.82 18.95 24.34
CA GLY C 300 31.22 20.24 23.82
C GLY C 300 32.55 20.71 24.38
N ARG C 301 32.51 21.78 25.18
CA ARG C 301 33.69 22.33 25.81
C ARG C 301 33.55 22.23 27.32
N GLY C 302 34.68 22.01 27.99
CA GLY C 302 34.68 21.90 29.43
C GLY C 302 33.65 20.91 29.92
N ASP C 303 32.63 21.40 30.61
CA ASP C 303 31.57 20.56 31.16
C ASP C 303 30.23 20.95 30.56
N GLU C 304 30.23 21.36 29.30
CA GLU C 304 29.01 21.76 28.60
C GLU C 304 28.82 20.89 27.37
N ARG C 305 27.63 20.34 27.22
CA ARG C 305 27.28 19.47 26.12
C ARG C 305 26.33 20.17 25.18
N VAL C 306 26.23 19.62 23.97
CA VAL C 306 25.40 20.16 22.90
C VAL C 306 24.30 19.17 22.59
N ALA C 307 23.06 19.60 22.69
CA ALA C 307 21.91 18.78 22.32
C ALA C 307 21.39 19.22 20.97
N LYS C 308 21.37 18.29 20.02
CA LYS C 308 20.90 18.55 18.67
C LYS C 308 19.61 17.79 18.45
N LEU C 309 18.63 18.45 17.85
CA LEU C 309 17.36 17.84 17.52
C LEU C 309 17.46 17.28 16.11
N GLN C 310 16.89 16.10 15.90
CA GLN C 310 17.07 15.48 14.60
C GLN C 310 15.79 15.02 13.94
N ASP C 311 14.77 14.65 14.73
CA ASP C 311 13.51 14.15 14.18
C ASP C 311 12.38 14.55 15.12
N SER C 312 11.65 15.60 14.75
CA SER C 312 10.49 16.04 15.50
C SER C 312 9.35 16.35 14.54
N PRO C 313 8.11 16.13 14.95
CA PRO C 313 6.98 16.49 14.10
C PRO C 313 6.51 17.92 14.35
N ASP C 314 6.88 18.51 15.49
CA ASP C 314 6.48 19.87 15.79
C ASP C 314 7.55 20.88 15.37
N MET C 315 8.72 20.81 16.00
CA MET C 315 9.81 21.74 15.66
C MET C 315 10.46 21.46 14.30
N PRO C 316 11.18 22.46 13.76
CA PRO C 316 12.06 22.21 12.62
C PRO C 316 13.41 21.59 12.98
N GLU C 317 14.23 22.34 13.71
CA GLU C 317 15.63 21.98 13.96
C GLU C 317 16.31 23.05 14.80
N LYS C 318 17.34 22.68 15.56
CA LYS C 318 18.22 23.63 16.24
C LYS C 318 19.30 22.91 17.05
N GLU C 319 20.20 23.70 17.64
CA GLU C 319 21.24 23.19 18.53
C GLU C 319 21.15 23.97 19.84
N CYS C 320 20.96 23.26 20.95
CA CYS C 320 20.94 23.86 22.28
C CYS C 320 22.23 23.48 22.99
N VAL C 321 22.60 24.26 23.99
CA VAL C 321 23.77 23.99 24.82
C VAL C 321 23.32 23.91 26.26
N TYR C 322 23.79 22.89 26.98
CA TYR C 322 23.36 22.67 28.34
C TYR C 322 24.51 22.08 29.15
N VAL C 323 24.55 22.42 30.43
CA VAL C 323 25.57 21.92 31.34
C VAL C 323 24.87 21.10 32.42
N ILE C 324 25.39 19.89 32.67
CA ILE C 324 24.85 19.00 33.68
C ILE C 324 25.54 19.33 34.99
N GLY C 325 24.87 20.12 35.82
CA GLY C 325 25.45 20.53 37.08
C GLY C 325 24.96 19.68 38.24
N GLU C 326 24.85 20.28 39.42
CA GLU C 326 24.46 19.55 40.61
C GLU C 326 22.95 19.52 40.84
N LYS C 327 22.17 20.24 40.03
CA LYS C 327 20.72 20.22 40.13
C LYS C 327 20.09 19.56 38.91
N GLY C 328 20.78 18.62 38.31
CA GLY C 328 20.29 17.94 37.12
C GLY C 328 20.82 18.58 35.85
N ILE C 329 19.95 18.75 34.86
CA ILE C 329 20.31 19.34 33.57
C ILE C 329 19.91 20.81 33.61
N THR C 330 20.89 21.70 33.49
CA THR C 330 20.61 23.13 33.51
C THR C 330 21.61 23.90 32.65
N ASP C 331 21.65 25.21 32.81
CA ASP C 331 22.67 26.04 32.18
C ASP C 331 23.03 27.23 33.06
#